data_8VBB
#
_entry.id   8VBB
#
_cell.length_a   1.00
_cell.length_b   1.00
_cell.length_c   1.00
_cell.angle_alpha   90.00
_cell.angle_beta   90.00
_cell.angle_gamma   90.00
#
_symmetry.space_group_name_H-M   'P 1'
#
loop_
_entity.id
_entity.type
_entity.pdbx_description
1 polymer EtpA
2 polymer 'mouse mAb 1G05 Heavy Chain'
3 polymer 'mouse mAb 1G05 Light Chain'
4 non-polymer beta-D-glucopyranose
#
loop_
_entity_poly.entity_id
_entity_poly.type
_entity_poly.pdbx_seq_one_letter_code
_entity_poly.pdbx_strand_id
1 'polypeptide(L)'
;MNRIYKLKFDKRRNELVVVSEITTGVGNAKATGSVEGEKSPRRGVRAMALSLLSGMMIMAHPAMSANLPTGGQIVAGSGS
IQTPSGNQMNIHQNSQNMVANWNSFDIGKGNTVQFDQPSSSAVALNRVVGGGESQIMGNLKANGQVFLVNPNGVLFGEGA
SVSTSGFVASTRDIKNDDFMNRRYTFSGGQKAGAAIVNQGELTTNAGGYIVLAADRVSNSGTIRTPGGKTVLAASERITL
QLDNGGLMSVQVTGDVVNALVENRGLVSARDGQVYLTALGRGMLMNTVLNVSGVVEASGMHRQDGNIVLDGGDSGVVHLS
GTLQADNASGQGGKVVVQGKNILLDKGSNITATGGQGGGEVYVGGGWQGKDSNIRNADKVVMQGGARIDVSATQQGNGGT
AVLWSDSYTNFHGQIGAKGGETGGNGGRVETSSHGNLQAFGTVSASAKKGKAGNWLLDSADITIVNGSNVSKTETTQSPP
HTQFAPTAAGSAVSNTSINNRLNNGTSVTILTHRTRTGTAQGGNITVNAAINKGNGSDVNLTLQAGGNITVNNSITSTEG
KLNVNLSGARTSNGSITISNNANITTNGGDITVGTTNTSNRVNISINNTTLNASNGNIQLTGTGTDSGILFAGNNRLTAS
NIALTGNSTSGNAINLTGTATLNATNNITLTGSSTSGNAINLKGNNTLTASNITLTGESTSGNAINHTDTTGTTTLNATN
NITMQGTRVQIKHSNITAGNFALNATVAGSEISNTTLTATNNINLAAKTNSASSGVYLKDARITSTNGSITANGTATANG
KATHLDGNVTLNASNGRIKLTGNGHGSASGILFAGNNRLTASNIALTGNSTSGNAINLTGTATLNATNDITLTGSSTSGN
AINLTGTATLNATNNITLTGSSTSGNAINLKGNNTLTASNITLTGESTSGNAINLTDTTGTTTLNATNNITMQGTRVQIK
HSNITAGNFALNATVAGSEISNTTLTATNNINLAAKTNSASSGVYLKDARITSTNGSITANGTATANGKATHLDGNVTLN
ASNGRIKLTGNGHGSASGILFAGNNRLTASNIALTGNSTSGNAINLTGTATLNATNDITLTGSNTSGNAINLTGTATLNA
TNNITLTGSSTSGNAINLKGNNTLTASNITLTGESTSGNAINLTDTTGTTTLNATNNITMQGTRVQIKHSNITAGNFALN
ATVAGSEISNTTLTATNNINLAAKTNSASSGVYLKDARITSTNGSITANGTATANGKATHLDGNVTLNASNGRIKLTGNG
HGSASGILFAGNNRLTASNIALTGNSTSGNAINLTGTATLNATNDITLTGSSTSGNAINLTGTATLNATNNITLTGSSTS
GNAINLKGNNTLTASNITLTGESTSGNAINLTDTTGTTTLNATNNITMQGTRVQIKHSNITAGNFALNATVAGSEISNTT
LTATNNINLAAKTNSASSGVYLKDARITSTNGSITANGTAPANDNATYLDGNVTLNASNGSIKLTGNGNGSTSGILFAGN
NTLTASNITLTGNSEVYWQKLGPEQKLISEEDLNSAVDHHHHHH
;
A
2 'polypeptide(L)'
;MGWSCIILFLVATATGVHSEVQLQQSGAELVRPGSSVKLSCKASGYIFTNYWIHWVRQRPIQGLEWIGNIDPSESETHYN
QNFKDKATLTVDKSSSTVYMHLSSLTSEDSSVYYCARGTAVVDFDYWGQGTTLTVSSASTKGPSVFPLAPSSKSTSGGTA
ALGCLVKDYFPEPVTVSWNSGALTSGVHTFPAVLQSSGLYSLSSVVTVPSSSLGTQTYICNVNHKPSNTKVDKRVEPKSC
DKTHTCPPCPAPELLGGPSVFLFPPKPKDTLMISRTPEVTCVVVDVSHEDPEVKFNWYVDGVEVHNAKTKPREEQYNSTY
RVVSVLTVLHQDWLNGKEYKCKVSNKALPAPIEKTISKAKGQPREPQVYTLPPSREEMTKNQVSLTCLVKGFYPSDIAVE
WESNGQPENNYKTTPPVLDSDGSFFLYSKLTVDKSRWQQGNVFSCSVMHEALHNHYTQKSLSLSPGK
;
H
3 'polypeptide(L)'
;MGWSCIILFLVATATGVHSDIQMTQSPSSLSASLGDRVTISCSASQGISNYLNWYQQKPDGIVKLLIFYTSSLHSGVPSR
FSGSGSGTDYSLTISNLEPEDIATYYCQQYSNLPWTFGGGTKLEIKRTVAAPSVFIFPPSDEQLKSGTASVVCLLNNFYP
REAKVQWKVDNALQSGNSQESVTEQDSKDSTYSLSSTLTLSKADYEKHKVYACEVTHQGLSSPVTKSFNRGEC
;
L
#
# COMPACT_ATOMS: atom_id res chain seq x y z
N ALA A 66 -79.61 24.49 34.96
CA ALA A 66 -78.46 24.36 35.84
C ALA A 66 -78.37 22.95 36.42
N ASN A 67 -77.18 22.38 36.38
CA ASN A 67 -76.94 21.04 36.93
C ASN A 67 -75.55 21.02 37.57
N LEU A 68 -75.52 20.94 38.88
CA LEU A 68 -74.29 20.87 39.66
C LEU A 68 -74.12 19.47 40.23
N PRO A 69 -72.89 19.06 40.55
CA PRO A 69 -72.68 17.72 41.11
C PRO A 69 -73.43 17.55 42.42
N THR A 70 -73.97 16.36 42.62
CA THR A 70 -74.77 16.03 43.79
C THR A 70 -74.16 14.85 44.53
N GLY A 71 -74.57 14.69 45.78
CA GLY A 71 -74.04 13.61 46.60
C GLY A 71 -72.62 13.82 47.08
N GLY A 72 -72.15 15.07 47.08
CA GLY A 72 -70.80 15.33 47.52
C GLY A 72 -70.61 15.02 48.99
N GLN A 73 -69.58 14.23 49.29
CA GLN A 73 -69.26 13.84 50.65
C GLN A 73 -67.76 13.75 50.81
N ILE A 74 -67.20 14.54 51.72
CA ILE A 74 -65.76 14.51 51.98
C ILE A 74 -65.43 13.23 52.73
N VAL A 75 -64.57 12.40 52.14
CA VAL A 75 -64.14 11.16 52.76
C VAL A 75 -62.83 11.30 53.52
N ALA A 76 -61.83 11.96 52.94
CA ALA A 76 -60.58 12.22 53.64
C ALA A 76 -60.23 13.69 53.46
N GLY A 77 -59.36 14.19 54.33
CA GLY A 77 -59.01 15.59 54.28
C GLY A 77 -60.06 16.45 54.97
N SER A 78 -59.85 17.76 54.90
CA SER A 78 -60.74 18.71 55.55
C SER A 78 -61.13 19.79 54.56
N GLY A 79 -62.39 19.77 54.16
CA GLY A 79 -62.90 20.75 53.22
C GLY A 79 -64.41 20.85 53.23
N SER A 80 -64.95 21.96 52.74
CA SER A 80 -66.38 22.20 52.73
C SER A 80 -66.88 22.36 51.30
N ILE A 81 -68.11 21.90 51.08
CA ILE A 81 -68.78 22.01 49.78
C ILE A 81 -70.00 22.90 49.96
N GLN A 82 -70.06 23.97 49.18
CA GLN A 82 -71.14 24.95 49.30
C GLN A 82 -71.65 25.31 47.91
N THR A 83 -72.92 25.70 47.86
CA THR A 83 -73.58 26.13 46.61
C THR A 83 -74.20 27.50 46.86
N PRO A 84 -73.40 28.56 46.82
CA PRO A 84 -73.95 29.91 47.06
C PRO A 84 -74.97 30.33 46.03
N SER A 85 -75.01 29.70 44.86
CA SER A 85 -75.97 30.05 43.82
C SER A 85 -76.34 28.79 43.07
N GLY A 86 -77.43 28.88 42.30
CA GLY A 86 -77.84 27.76 41.47
C GLY A 86 -76.83 27.44 40.38
N ASN A 87 -76.20 28.47 39.82
CA ASN A 87 -75.20 28.31 38.78
C ASN A 87 -73.77 28.34 39.32
N GLN A 88 -73.59 28.56 40.62
CA GLN A 88 -72.26 28.66 41.20
C GLN A 88 -72.10 27.63 42.31
N MET A 89 -71.05 26.82 42.20
CA MET A 89 -70.76 25.78 43.18
C MET A 89 -69.31 25.93 43.60
N ASN A 90 -69.09 26.00 44.92
CA ASN A 90 -67.77 26.30 45.47
C ASN A 90 -67.34 25.21 46.44
N ILE A 91 -66.08 24.82 46.35
CA ILE A 91 -65.45 23.89 47.30
C ILE A 91 -64.29 24.61 47.95
N HIS A 92 -64.28 24.62 49.28
CA HIS A 92 -63.20 25.21 50.07
C HIS A 92 -62.26 24.11 50.52
N GLN A 93 -61.00 24.18 50.11
CA GLN A 93 -59.99 23.20 50.47
C GLN A 93 -59.08 23.78 51.54
N ASN A 94 -58.81 23.00 52.59
CA ASN A 94 -57.92 23.40 53.67
C ASN A 94 -56.67 22.53 53.74
N SER A 95 -56.83 21.22 53.75
CA SER A 95 -55.70 20.30 53.79
C SER A 95 -55.02 20.24 52.42
N GLN A 96 -53.81 19.70 52.41
CA GLN A 96 -53.07 19.57 51.15
C GLN A 96 -53.73 18.55 50.23
N ASN A 97 -54.28 17.49 50.79
CA ASN A 97 -54.88 16.40 50.01
C ASN A 97 -56.24 16.06 50.60
N MET A 98 -57.24 15.86 49.73
CA MET A 98 -58.53 15.33 50.13
C MET A 98 -59.21 14.65 48.94
N VAL A 99 -59.96 13.59 49.23
CA VAL A 99 -60.73 12.87 48.24
C VAL A 99 -62.21 13.08 48.54
N ALA A 100 -62.98 13.46 47.52
CA ALA A 100 -64.41 13.64 47.64
C ALA A 100 -65.12 12.69 46.70
N ASN A 101 -65.98 11.84 47.26
CA ASN A 101 -66.77 10.92 46.49
C ASN A 101 -68.12 11.55 46.14
N TRP A 102 -68.53 11.38 44.89
CA TRP A 102 -69.72 12.03 44.37
C TRP A 102 -70.64 11.01 43.74
N ASN A 103 -71.94 11.15 44.03
CA ASN A 103 -72.94 10.36 43.34
C ASN A 103 -72.96 10.66 41.84
N SER A 104 -72.80 11.93 41.47
CA SER A 104 -72.69 12.32 40.08
C SER A 104 -71.94 13.64 40.01
N PHE A 105 -71.01 13.73 39.06
CA PHE A 105 -70.21 14.93 38.85
C PHE A 105 -70.55 15.49 37.47
N ASP A 106 -71.57 16.34 37.43
CA ASP A 106 -72.04 16.95 36.18
C ASP A 106 -72.11 18.45 36.34
N ILE A 107 -71.64 19.17 35.31
CA ILE A 107 -71.66 20.62 35.29
C ILE A 107 -72.48 21.06 34.08
N GLY A 108 -73.62 21.71 34.33
CA GLY A 108 -74.46 22.17 33.26
C GLY A 108 -73.93 23.43 32.60
N LYS A 109 -74.56 23.79 31.48
CA LYS A 109 -74.16 24.97 30.75
C LYS A 109 -74.39 26.22 31.59
N GLY A 110 -73.36 27.06 31.69
CA GLY A 110 -73.41 28.25 32.50
C GLY A 110 -73.15 28.03 33.97
N ASN A 111 -72.93 26.79 34.40
CA ASN A 111 -72.63 26.49 35.78
C ASN A 111 -71.13 26.49 36.02
N THR A 112 -70.74 26.98 37.20
CA THR A 112 -69.33 27.08 37.56
C THR A 112 -69.07 26.28 38.83
N VAL A 113 -68.08 25.39 38.77
CA VAL A 113 -67.58 24.67 39.93
C VAL A 113 -66.22 25.27 40.25
N GLN A 114 -66.11 25.92 41.40
CA GLN A 114 -64.91 26.65 41.78
C GLN A 114 -64.26 25.98 42.99
N PHE A 115 -62.95 25.80 42.90
CA PHE A 115 -62.19 25.25 44.02
C PHE A 115 -61.46 26.39 44.74
N ASP A 116 -61.53 26.36 46.07
CA ASP A 116 -60.82 27.32 46.92
C ASP A 116 -59.77 26.53 47.68
N GLN A 117 -58.52 26.61 47.21
CA GLN A 117 -57.49 25.74 47.75
C GLN A 117 -56.33 26.56 48.31
N PRO A 118 -55.61 26.02 49.31
CA PRO A 118 -54.56 26.81 49.97
C PRO A 118 -53.39 27.17 49.07
N SER A 119 -53.15 26.43 48.00
CA SER A 119 -51.98 26.69 47.16
C SER A 119 -52.22 26.10 45.77
N SER A 120 -51.32 26.45 44.85
CA SER A 120 -51.36 25.85 43.52
C SER A 120 -51.01 24.37 43.56
N SER A 121 -50.24 23.93 44.54
CA SER A 121 -49.91 22.52 44.73
C SER A 121 -50.97 21.78 45.52
N ALA A 122 -52.01 22.47 45.98
CA ALA A 122 -53.09 21.82 46.73
C ALA A 122 -53.81 20.82 45.85
N VAL A 123 -54.25 19.73 46.46
CA VAL A 123 -54.69 18.53 45.74
C VAL A 123 -56.13 18.24 46.12
N ALA A 124 -56.99 18.08 45.11
CA ALA A 124 -58.39 17.72 45.31
C ALA A 124 -58.76 16.61 44.32
N LEU A 125 -59.44 15.58 44.81
CA LEU A 125 -59.85 14.45 44.01
C LEU A 125 -61.37 14.30 44.05
N ASN A 126 -61.97 14.12 42.88
CA ASN A 126 -63.41 13.93 42.75
C ASN A 126 -63.66 12.57 42.11
N ARG A 127 -63.79 11.54 42.95
CA ARG A 127 -64.06 10.18 42.49
C ARG A 127 -65.57 9.97 42.39
N VAL A 128 -66.05 9.65 41.20
CA VAL A 128 -67.45 9.41 40.97
C VAL A 128 -67.77 7.97 41.36
N VAL A 129 -68.74 7.78 42.25
CA VAL A 129 -69.10 6.47 42.77
C VAL A 129 -70.53 6.09 42.38
N GLY A 130 -71.06 6.68 41.33
CA GLY A 130 -72.41 6.35 40.91
C GLY A 130 -72.78 7.08 39.65
N GLY A 131 -74.08 7.02 39.33
CA GLY A 131 -74.57 7.71 38.15
C GLY A 131 -74.03 7.10 36.87
N GLY A 132 -73.81 7.96 35.88
CA GLY A 132 -73.28 7.54 34.60
C GLY A 132 -72.02 8.29 34.20
N GLU A 133 -71.86 8.54 32.91
CA GLU A 133 -70.72 9.31 32.43
C GLU A 133 -70.84 10.76 32.88
N SER A 134 -69.72 11.32 33.35
CA SER A 134 -69.71 12.71 33.78
C SER A 134 -70.01 13.62 32.59
N GLN A 135 -70.92 14.57 32.80
CA GLN A 135 -71.35 15.50 31.76
C GLN A 135 -70.99 16.91 32.22
N ILE A 136 -69.88 17.43 31.69
CA ILE A 136 -69.36 18.74 32.08
C ILE A 136 -69.48 19.67 30.88
N MET A 137 -70.46 20.57 30.93
CA MET A 137 -70.63 21.60 29.91
C MET A 137 -70.24 22.99 30.36
N GLY A 138 -70.17 23.26 31.65
CA GLY A 138 -69.88 24.56 32.18
C GLY A 138 -68.40 24.79 32.39
N ASN A 139 -68.08 25.78 33.21
CA ASN A 139 -66.71 26.18 33.48
C ASN A 139 -66.29 25.63 34.84
N LEU A 140 -65.12 24.97 34.87
CA LEU A 140 -64.52 24.50 36.11
C LEU A 140 -63.21 25.25 36.31
N LYS A 141 -63.11 25.97 37.43
CA LYS A 141 -61.96 26.79 37.72
C LYS A 141 -61.41 26.44 39.10
N ALA A 142 -60.09 26.46 39.21
CA ALA A 142 -59.44 26.10 40.46
C ALA A 142 -58.07 26.76 40.52
N ASN A 143 -57.65 27.08 41.74
CA ASN A 143 -56.32 27.62 41.98
C ASN A 143 -55.29 26.54 42.23
N GLY A 144 -55.71 25.27 42.34
CA GLY A 144 -54.80 24.18 42.58
C GLY A 144 -54.95 23.05 41.58
N GLN A 145 -54.79 21.82 42.04
CA GLN A 145 -54.85 20.64 41.19
C GLN A 145 -56.15 19.89 41.41
N VAL A 146 -56.82 19.53 40.31
CA VAL A 146 -58.10 18.84 40.35
C VAL A 146 -57.95 17.49 39.65
N PHE A 147 -58.40 16.43 40.31
CA PHE A 147 -58.36 15.08 39.77
C PHE A 147 -59.78 14.51 39.77
N LEU A 148 -60.25 14.14 38.58
CA LEU A 148 -61.58 13.58 38.39
C LEU A 148 -61.44 12.14 37.93
N VAL A 149 -62.08 11.22 38.66
CA VAL A 149 -62.07 9.81 38.32
C VAL A 149 -63.52 9.36 38.17
N ASN A 150 -63.84 8.84 36.98
CA ASN A 150 -65.18 8.31 36.74
C ASN A 150 -65.06 7.02 35.93
N PRO A 151 -65.35 5.87 36.54
CA PRO A 151 -65.26 4.60 35.81
C PRO A 151 -66.20 4.54 34.62
N ASN A 152 -67.26 5.34 34.64
CA ASN A 152 -68.25 5.36 33.58
C ASN A 152 -67.85 6.27 32.42
N GLY A 153 -66.72 6.95 32.52
CA GLY A 153 -66.28 7.87 31.50
C GLY A 153 -66.60 9.31 31.85
N VAL A 154 -65.93 10.23 31.15
CA VAL A 154 -66.12 11.66 31.35
C VAL A 154 -66.25 12.31 29.97
N LEU A 155 -67.21 13.22 29.83
CA LEU A 155 -67.41 13.96 28.59
C LEU A 155 -67.38 15.45 28.87
N PHE A 156 -66.61 16.18 28.08
CA PHE A 156 -66.57 17.64 28.13
C PHE A 156 -67.19 18.17 26.84
N GLY A 157 -68.35 18.79 26.96
CA GLY A 157 -69.07 19.28 25.80
C GLY A 157 -68.49 20.56 25.25
N GLU A 158 -69.11 21.04 24.17
CA GLU A 158 -68.66 22.26 23.52
C GLU A 158 -68.84 23.45 24.45
N GLY A 159 -67.81 24.29 24.54
CA GLY A 159 -67.83 25.44 25.41
C GLY A 159 -67.39 25.18 26.82
N ALA A 160 -67.21 23.91 27.21
CA ALA A 160 -66.73 23.60 28.55
C ALA A 160 -65.28 24.04 28.70
N SER A 161 -64.98 24.64 29.85
CA SER A 161 -63.64 25.16 30.10
C SER A 161 -63.17 24.72 31.47
N VAL A 162 -61.93 24.21 31.52
CA VAL A 162 -61.28 23.84 32.77
C VAL A 162 -59.97 24.62 32.84
N SER A 163 -59.75 25.29 33.97
CA SER A 163 -58.55 26.09 34.18
C SER A 163 -58.06 25.87 35.60
N THR A 164 -57.11 24.95 35.77
CA THR A 164 -56.56 24.62 37.07
C THR A 164 -55.04 24.69 36.99
N SER A 165 -54.38 24.50 38.14
CA SER A 165 -52.93 24.38 38.17
C SER A 165 -52.46 22.99 37.77
N GLY A 166 -53.38 22.05 37.59
CA GLY A 166 -53.08 20.70 37.15
C GLY A 166 -54.36 19.90 37.16
N PHE A 167 -54.60 19.11 36.11
CA PHE A 167 -55.88 18.44 35.99
C PHE A 167 -55.67 17.03 35.45
N VAL A 168 -56.33 16.06 36.07
CA VAL A 168 -56.25 14.66 35.68
C VAL A 168 -57.66 14.13 35.54
N ALA A 169 -57.99 13.60 34.36
CA ALA A 169 -59.21 12.85 34.14
C ALA A 169 -58.84 11.41 33.84
N SER A 170 -59.35 10.49 34.64
CA SER A 170 -58.98 9.08 34.48
C SER A 170 -60.20 8.21 34.73
N THR A 171 -60.33 7.16 33.94
CA THR A 171 -61.35 6.16 34.14
C THR A 171 -60.91 5.07 35.10
N ARG A 172 -59.63 5.05 35.48
CA ARG A 172 -59.09 4.07 36.40
C ARG A 172 -59.12 4.62 37.82
N ASP A 173 -59.65 3.82 38.74
CA ASP A 173 -59.78 4.26 40.12
C ASP A 173 -58.42 4.24 40.82
N ILE A 174 -58.29 5.12 41.81
CA ILE A 174 -57.10 5.23 42.64
C ILE A 174 -57.50 5.10 44.10
N LYS A 175 -56.77 4.29 44.84
CA LYS A 175 -57.09 4.07 46.24
C LYS A 175 -56.88 5.34 47.05
N ASN A 176 -57.70 5.50 48.10
CA ASN A 176 -57.59 6.67 48.97
C ASN A 176 -56.26 6.70 49.70
N ASP A 177 -55.80 5.55 50.20
CA ASP A 177 -54.54 5.51 50.94
C ASP A 177 -53.38 6.03 50.09
N ASP A 178 -53.35 5.64 48.82
CA ASP A 178 -52.33 6.16 47.92
C ASP A 178 -52.46 7.67 47.73
N PHE A 179 -53.69 8.17 47.65
CA PHE A 179 -53.89 9.58 47.31
C PHE A 179 -53.39 10.50 48.41
N MET A 180 -53.78 10.24 49.66
CA MET A 180 -53.29 11.06 50.76
C MET A 180 -51.78 10.94 50.93
N ASN A 181 -51.20 9.81 50.53
CA ASN A 181 -49.76 9.61 50.58
C ASN A 181 -49.06 10.15 49.34
N ARG A 182 -49.77 10.96 48.55
CA ARG A 182 -49.23 11.60 47.35
C ARG A 182 -48.69 10.57 46.36
N ARG A 183 -49.37 9.44 46.28
CA ARG A 183 -48.92 8.37 45.39
C ARG A 183 -50.01 8.35 44.32
N TYR A 184 -49.73 8.92 43.14
CA TYR A 184 -50.75 9.08 42.11
C TYR A 184 -50.63 7.96 41.07
N THR A 185 -51.29 6.84 41.36
CA THR A 185 -51.33 5.70 40.47
C THR A 185 -52.78 5.37 40.15
N PHE A 186 -53.04 5.04 38.88
CA PHE A 186 -54.38 4.80 38.38
C PHE A 186 -54.42 3.46 37.65
N SER A 187 -55.29 2.56 38.09
CA SER A 187 -55.36 1.24 37.51
C SER A 187 -56.67 0.55 37.90
N GLY A 188 -57.31 -0.09 36.93
CA GLY A 188 -58.48 -0.90 37.18
C GLY A 188 -59.72 -0.13 37.61
N GLY A 189 -60.83 -0.84 37.78
CA GLY A 189 -62.06 -0.24 38.26
C GLY A 189 -62.88 0.49 37.22
N GLN A 190 -62.47 0.48 35.96
CA GLN A 190 -63.19 1.22 34.93
C GLN A 190 -64.30 0.36 34.32
N LYS A 191 -65.38 1.03 33.90
CA LYS A 191 -66.43 0.37 33.14
C LYS A 191 -65.92 0.03 31.74
N ALA A 192 -66.28 -1.16 31.26
CA ALA A 192 -65.83 -1.58 29.94
C ALA A 192 -66.38 -0.65 28.87
N GLY A 193 -65.51 -0.19 27.98
CA GLY A 193 -65.89 0.69 26.89
C GLY A 193 -66.01 2.15 27.27
N ALA A 194 -65.77 2.51 28.53
CA ALA A 194 -65.87 3.89 28.94
C ALA A 194 -64.79 4.73 28.28
N ALA A 195 -65.14 5.96 27.90
CA ALA A 195 -64.24 6.83 27.16
C ALA A 195 -64.25 8.22 27.79
N ILE A 196 -63.14 8.92 27.64
CA ILE A 196 -63.02 10.31 28.06
C ILE A 196 -62.93 11.15 26.79
N VAL A 197 -63.98 11.92 26.52
CA VAL A 197 -64.08 12.72 25.30
C VAL A 197 -64.05 14.19 25.70
N ASN A 198 -63.14 14.94 25.07
CA ASN A 198 -62.97 16.36 25.35
C ASN A 198 -63.28 17.16 24.09
N GLN A 199 -64.40 17.86 24.09
CA GLN A 199 -64.74 18.76 23.00
C GLN A 199 -64.65 20.22 23.38
N GLY A 200 -64.45 20.52 24.66
CA GLY A 200 -64.29 21.89 25.10
C GLY A 200 -62.83 22.29 25.17
N GLU A 201 -62.51 23.28 26.00
CA GLU A 201 -61.16 23.79 26.14
C GLU A 201 -60.64 23.41 27.52
N LEU A 202 -59.52 22.71 27.58
CA LEU A 202 -58.84 22.38 28.82
C LEU A 202 -57.51 23.11 28.84
N THR A 203 -57.36 24.06 29.77
CA THR A 203 -56.16 24.88 29.88
C THR A 203 -55.68 24.87 31.32
N THR A 204 -54.38 25.13 31.49
CA THR A 204 -53.77 25.22 32.80
C THR A 204 -52.84 26.42 32.85
N ASN A 205 -52.42 26.75 34.08
CA ASN A 205 -51.44 27.80 34.28
C ASN A 205 -50.07 27.33 33.82
N ALA A 206 -49.13 28.27 33.74
CA ALA A 206 -47.77 27.93 33.39
C ALA A 206 -47.20 26.93 34.38
N GLY A 207 -46.59 25.87 33.86
CA GLY A 207 -46.13 24.77 34.68
C GLY A 207 -47.18 23.75 35.03
N GLY A 208 -48.41 23.89 34.52
CA GLY A 208 -49.48 22.95 34.78
C GLY A 208 -49.43 21.76 33.85
N TYR A 209 -50.35 20.83 34.09
CA TYR A 209 -50.39 19.59 33.33
C TYR A 209 -51.83 19.15 33.13
N ILE A 210 -52.07 18.41 32.06
CA ILE A 210 -53.37 17.83 31.78
C ILE A 210 -53.16 16.38 31.34
N VAL A 211 -53.85 15.45 32.00
CA VAL A 211 -53.69 14.03 31.75
C VAL A 211 -55.08 13.43 31.55
N LEU A 212 -55.23 12.65 30.47
CA LEU A 212 -56.45 11.89 30.21
C LEU A 212 -56.06 10.44 29.97
N ALA A 213 -56.25 9.60 30.99
CA ALA A 213 -55.95 8.17 30.90
C ALA A 213 -57.27 7.41 30.92
N ALA A 214 -57.50 6.61 29.88
CA ALA A 214 -58.75 5.88 29.75
C ALA A 214 -58.54 4.74 28.77
N ASP A 215 -59.54 3.87 28.67
CA ASP A 215 -59.52 2.86 27.62
C ASP A 215 -59.53 3.50 26.24
N ARG A 216 -60.34 4.54 26.07
CA ARG A 216 -60.34 5.35 24.86
C ARG A 216 -60.40 6.81 25.27
N VAL A 217 -59.57 7.64 24.64
CA VAL A 217 -59.52 9.07 24.91
C VAL A 217 -59.67 9.80 23.57
N SER A 218 -60.57 10.78 23.53
CA SER A 218 -60.75 11.60 22.35
C SER A 218 -60.74 13.06 22.77
N ASN A 219 -60.08 13.90 21.98
CA ASN A 219 -60.06 15.34 22.22
C ASN A 219 -60.41 16.04 20.91
N SER A 220 -61.69 16.34 20.74
CA SER A 220 -62.14 17.14 19.61
C SER A 220 -62.06 18.64 19.88
N GLY A 221 -61.83 19.03 21.12
CA GLY A 221 -61.60 20.41 21.51
C GLY A 221 -60.13 20.76 21.51
N THR A 222 -59.76 21.71 22.37
CA THR A 222 -58.38 22.17 22.48
C THR A 222 -57.85 21.88 23.87
N ILE A 223 -56.56 21.60 23.95
CA ILE A 223 -55.85 21.38 25.22
C ILE A 223 -54.60 22.24 25.20
N ARG A 224 -54.38 22.99 26.29
CA ARG A 224 -53.28 23.94 26.37
C ARG A 224 -52.60 23.82 27.72
N THR A 225 -51.36 23.30 27.72
CA THR A 225 -50.54 23.22 28.92
C THR A 225 -49.17 23.82 28.61
N PRO A 226 -49.08 25.14 28.54
CA PRO A 226 -47.79 25.78 28.25
C PRO A 226 -46.79 25.55 29.37
N GLY A 227 -45.59 25.09 29.01
CA GLY A 227 -44.53 24.87 29.96
C GLY A 227 -44.68 23.66 30.85
N GLY A 228 -45.63 22.78 30.56
CA GLY A 228 -45.86 21.58 31.36
C GLY A 228 -45.84 20.34 30.51
N LYS A 229 -46.70 19.40 30.87
CA LYS A 229 -46.81 18.14 30.13
C LYS A 229 -48.26 17.84 29.84
N THR A 230 -48.53 17.38 28.61
CA THR A 230 -49.82 16.84 28.22
C THR A 230 -49.63 15.36 27.92
N VAL A 231 -50.36 14.52 28.64
CA VAL A 231 -50.22 13.08 28.48
C VAL A 231 -51.61 12.49 28.21
N LEU A 232 -51.75 11.79 27.11
CA LEU A 232 -52.95 11.03 26.79
C LEU A 232 -52.56 9.56 26.70
N ALA A 233 -52.95 8.78 27.69
CA ALA A 233 -52.53 7.39 27.76
C ALA A 233 -53.75 6.49 27.68
N ALA A 234 -53.56 5.32 27.07
CA ALA A 234 -54.59 4.28 27.00
C ALA A 234 -53.94 2.99 27.49
N SER A 235 -53.97 2.77 28.79
CA SER A 235 -53.30 1.62 29.38
C SER A 235 -54.01 1.25 30.67
N GLU A 236 -53.72 0.03 31.15
CA GLU A 236 -54.34 -0.43 32.39
C GLU A 236 -53.85 0.36 33.60
N ARG A 237 -52.53 0.55 33.72
CA ARG A 237 -51.95 1.22 34.87
C ARG A 237 -51.18 2.44 34.41
N ILE A 238 -51.48 3.59 35.01
CA ILE A 238 -50.82 4.85 34.68
C ILE A 238 -50.31 5.45 35.98
N THR A 239 -49.00 5.70 36.05
CA THR A 239 -48.36 6.19 37.27
C THR A 239 -47.87 7.62 37.03
N LEU A 240 -48.30 8.53 37.88
CA LEU A 240 -47.99 9.95 37.75
C LEU A 240 -47.04 10.36 38.87
N GLN A 241 -45.95 11.02 38.50
CA GLN A 241 -44.96 11.48 39.46
C GLN A 241 -45.00 13.02 39.52
N LEU A 242 -45.37 13.55 40.68
CA LEU A 242 -45.49 14.98 40.88
C LEU A 242 -44.48 15.47 41.91
N ASP A 243 -44.04 16.72 41.75
CA ASP A 243 -43.11 17.34 42.69
C ASP A 243 -43.23 18.85 42.58
N ASN A 244 -43.47 19.49 43.72
CA ASN A 244 -43.53 20.96 43.81
C ASN A 244 -44.63 21.52 42.91
N GLY A 245 -45.75 20.81 42.83
CA GLY A 245 -46.91 21.26 42.09
C GLY A 245 -46.82 21.04 40.59
N GLY A 246 -45.74 20.43 40.11
CA GLY A 246 -45.56 20.16 38.69
C GLY A 246 -45.52 18.66 38.42
N LEU A 247 -45.53 18.34 37.13
CA LEU A 247 -45.47 16.96 36.67
C LEU A 247 -44.07 16.68 36.12
N MET A 248 -43.39 15.71 36.71
CA MET A 248 -42.02 15.37 36.32
C MET A 248 -41.98 14.20 35.32
N SER A 249 -42.71 13.13 35.60
CA SER A 249 -42.69 11.97 34.72
C SER A 249 -44.01 11.22 34.82
N VAL A 250 -44.28 10.42 33.80
CA VAL A 250 -45.48 9.60 33.73
C VAL A 250 -45.06 8.19 33.33
N GLN A 251 -45.58 7.19 34.05
CA GLN A 251 -45.28 5.79 33.78
C GLN A 251 -46.55 5.13 33.26
N VAL A 252 -46.51 4.72 31.99
CA VAL A 252 -47.66 4.15 31.31
C VAL A 252 -47.34 2.70 30.96
N THR A 253 -48.15 1.78 31.44
CA THR A 253 -47.93 0.36 31.20
C THR A 253 -49.27 -0.37 31.21
N GLY A 254 -49.28 -1.55 30.59
CA GLY A 254 -50.46 -2.39 30.58
C GLY A 254 -51.31 -2.26 29.33
N ASP A 255 -51.40 -3.33 28.56
CA ASP A 255 -52.23 -3.35 27.37
C ASP A 255 -53.70 -3.55 27.74
N VAL A 256 -54.58 -2.84 27.03
CA VAL A 256 -56.01 -2.94 27.25
C VAL A 256 -56.70 -3.19 25.92
N VAL A 257 -57.89 -3.78 26.01
CA VAL A 257 -58.66 -4.19 24.83
C VAL A 257 -59.23 -2.96 24.15
N ASN A 258 -59.12 -2.92 22.82
CA ASN A 258 -59.69 -1.84 22.01
C ASN A 258 -59.15 -0.48 22.43
N ALA A 259 -57.87 -0.45 22.80
CA ALA A 259 -57.23 0.80 23.19
C ALA A 259 -57.17 1.76 22.01
N LEU A 260 -57.30 3.06 22.31
CA LEU A 260 -57.25 4.08 21.28
C LEU A 260 -57.16 5.44 21.97
N VAL A 261 -56.36 6.34 21.40
CA VAL A 261 -56.32 7.73 21.79
C VAL A 261 -56.33 8.57 20.53
N GLU A 262 -57.44 9.26 20.27
CA GLU A 262 -57.60 10.05 19.06
C GLU A 262 -57.66 11.53 19.42
N ASN A 263 -56.97 12.36 18.65
CA ASN A 263 -56.95 13.79 18.85
C ASN A 263 -57.27 14.47 17.53
N ARG A 264 -58.53 14.88 17.36
CA ARG A 264 -58.94 15.64 16.18
C ARG A 264 -58.87 17.14 16.39
N GLY A 265 -58.60 17.59 17.61
CA GLY A 265 -58.52 19.00 17.95
C GLY A 265 -57.09 19.52 17.97
N LEU A 266 -56.86 20.49 18.84
CA LEU A 266 -55.56 21.16 18.96
C LEU A 266 -55.01 20.90 20.36
N VAL A 267 -53.75 20.47 20.42
CA VAL A 267 -53.03 20.34 21.68
C VAL A 267 -51.76 21.17 21.58
N SER A 268 -51.62 22.14 22.47
CA SER A 268 -50.44 23.00 22.49
C SER A 268 -49.77 22.91 23.84
N ALA A 269 -48.50 22.52 23.84
CA ALA A 269 -47.70 22.39 25.04
C ALA A 269 -46.35 23.06 24.81
N ARG A 270 -46.41 24.30 24.33
CA ARG A 270 -45.20 25.04 24.00
C ARG A 270 -44.25 25.09 25.20
N ASP A 271 -42.97 24.83 24.92
CA ASP A 271 -41.91 24.73 25.93
C ASP A 271 -42.13 23.56 26.87
N GLY A 272 -43.02 22.63 26.53
CA GLY A 272 -43.32 21.48 27.33
C GLY A 272 -43.18 20.19 26.53
N GLN A 273 -44.00 19.20 26.90
CA GLN A 273 -43.98 17.90 26.26
C GLN A 273 -45.40 17.39 26.06
N VAL A 274 -45.57 16.55 25.04
CA VAL A 274 -46.83 15.87 24.77
C VAL A 274 -46.54 14.39 24.60
N TYR A 275 -47.23 13.56 25.38
CA TYR A 275 -47.10 12.11 25.29
C TYR A 275 -48.46 11.54 24.91
N LEU A 276 -48.49 10.78 23.81
CA LEU A 276 -49.71 10.13 23.34
C LEU A 276 -49.43 8.64 23.23
N THR A 277 -49.59 7.93 24.34
CA THR A 277 -49.25 6.52 24.43
C THR A 277 -50.53 5.69 24.40
N ALA A 278 -50.54 4.66 23.55
CA ALA A 278 -51.69 3.76 23.44
C ALA A 278 -51.16 2.33 23.43
N LEU A 279 -51.41 1.61 24.52
CA LEU A 279 -50.95 0.22 24.67
C LEU A 279 -52.17 -0.68 24.54
N GLY A 280 -52.28 -1.36 23.41
CA GLY A 280 -53.42 -2.18 23.11
C GLY A 280 -53.14 -3.67 23.24
N ARG A 281 -54.20 -4.45 23.44
CA ARG A 281 -54.08 -5.89 23.59
C ARG A 281 -54.12 -6.61 22.25
N GLY A 282 -55.03 -6.21 21.36
CA GLY A 282 -55.18 -6.87 20.07
C GLY A 282 -54.83 -5.98 18.91
N MET A 283 -55.85 -5.43 18.24
CA MET A 283 -55.71 -4.54 17.08
C MET A 283 -54.58 -4.99 16.17
N LEU A 284 -54.75 -6.20 15.61
CA LEU A 284 -53.76 -6.72 14.66
C LEU A 284 -53.49 -5.72 13.54
N MET A 285 -54.54 -5.08 13.03
CA MET A 285 -54.41 -4.03 12.02
C MET A 285 -55.37 -2.87 12.30
N ASN A 286 -55.94 -2.83 13.50
CA ASN A 286 -56.89 -1.78 13.85
C ASN A 286 -56.18 -0.57 14.44
N THR A 287 -56.79 0.59 14.26
CA THR A 287 -56.18 1.84 14.67
C THR A 287 -56.06 1.90 16.19
N VAL A 288 -54.83 1.91 16.69
CA VAL A 288 -54.57 2.05 18.11
C VAL A 288 -54.24 3.48 18.50
N LEU A 289 -53.77 4.30 17.55
CA LEU A 289 -53.44 5.71 17.82
C LEU A 289 -53.72 6.48 16.55
N ASN A 290 -54.37 7.64 16.68
CA ASN A 290 -54.83 8.41 15.54
C ASN A 290 -54.84 9.89 15.91
N VAL A 291 -53.88 10.64 15.40
CA VAL A 291 -53.83 12.09 15.60
C VAL A 291 -54.07 12.75 14.25
N SER A 292 -55.23 13.40 14.12
CA SER A 292 -55.59 14.10 12.89
C SER A 292 -55.63 15.61 13.06
N GLY A 293 -55.50 16.13 14.27
CA GLY A 293 -55.52 17.55 14.54
C GLY A 293 -54.13 18.15 14.55
N VAL A 294 -53.95 19.17 15.38
CA VAL A 294 -52.69 19.90 15.48
C VAL A 294 -52.10 19.68 16.86
N VAL A 295 -50.84 19.26 16.91
CA VAL A 295 -50.09 19.09 18.15
C VAL A 295 -48.88 20.01 18.08
N GLU A 296 -48.77 20.92 19.04
CA GLU A 296 -47.73 21.95 19.03
C GLU A 296 -46.94 21.89 20.33
N ALA A 297 -45.62 21.76 20.21
CA ALA A 297 -44.72 21.74 21.36
C ALA A 297 -43.51 22.62 21.06
N SER A 298 -43.77 23.83 20.57
CA SER A 298 -42.69 24.74 20.21
C SER A 298 -41.87 25.13 21.43
N GLY A 299 -40.58 25.35 21.21
CA GLY A 299 -39.68 25.75 22.25
C GLY A 299 -38.32 25.11 22.10
N MET A 300 -37.62 24.98 23.22
CA MET A 300 -36.25 24.47 23.23
C MET A 300 -36.24 22.96 23.06
N HIS A 301 -35.16 22.45 22.46
CA HIS A 301 -35.04 21.05 22.09
C HIS A 301 -34.86 20.20 23.35
N ARG A 302 -35.97 19.68 23.84
CA ARG A 302 -35.96 18.79 24.99
C ARG A 302 -35.41 17.43 24.59
N GLN A 303 -34.38 16.96 25.31
CA GLN A 303 -33.76 15.68 24.99
C GLN A 303 -34.70 14.50 25.13
N ASP A 304 -35.72 14.60 25.97
CA ASP A 304 -36.76 13.58 26.07
C ASP A 304 -37.77 13.66 24.93
N GLY A 305 -37.71 14.73 24.13
CA GLY A 305 -38.63 14.90 23.03
C GLY A 305 -39.75 15.87 23.36
N ASN A 306 -39.95 16.87 22.49
CA ASN A 306 -41.05 17.80 22.70
C ASN A 306 -42.40 17.16 22.40
N ILE A 307 -42.45 16.30 21.39
CA ILE A 307 -43.62 15.47 21.12
C ILE A 307 -43.15 14.03 21.05
N VAL A 308 -43.80 13.15 21.81
CA VAL A 308 -43.49 11.73 21.81
C VAL A 308 -44.79 10.96 21.61
N LEU A 309 -44.82 10.12 20.58
CA LEU A 309 -45.93 9.20 20.36
C LEU A 309 -45.42 7.79 20.61
N ASP A 310 -46.33 6.89 20.95
CA ASP A 310 -46.01 5.48 21.11
C ASP A 310 -47.23 4.65 20.71
N GLY A 311 -47.02 3.67 19.84
CA GLY A 311 -48.07 2.75 19.47
C GLY A 311 -48.06 1.45 20.22
N GLY A 312 -47.20 1.31 21.23
CA GLY A 312 -47.14 0.06 21.95
C GLY A 312 -46.55 -1.05 21.10
N ASP A 313 -46.96 -2.27 21.46
CA ASP A 313 -46.49 -3.48 20.78
C ASP A 313 -47.50 -3.94 19.74
N SER A 314 -48.65 -3.28 19.64
CA SER A 314 -49.71 -3.72 18.73
C SER A 314 -50.36 -2.51 18.10
N GLY A 315 -51.11 -2.74 17.02
CA GLY A 315 -51.90 -1.69 16.41
C GLY A 315 -51.14 -0.89 15.38
N VAL A 316 -51.87 0.05 14.78
CA VAL A 316 -51.35 0.94 13.75
C VAL A 316 -51.54 2.39 14.20
N VAL A 317 -50.48 3.17 14.11
CA VAL A 317 -50.51 4.60 14.43
C VAL A 317 -50.72 5.36 13.13
N HIS A 318 -51.98 5.59 12.77
CA HIS A 318 -52.35 6.34 11.59
C HIS A 318 -52.44 7.81 11.96
N LEU A 319 -51.46 8.60 11.51
CA LEU A 319 -51.39 10.01 11.83
C LEU A 319 -51.68 10.81 10.55
N SER A 320 -52.65 11.71 10.63
CA SER A 320 -53.00 12.56 9.50
C SER A 320 -52.85 14.05 9.77
N GLY A 321 -52.69 14.45 11.03
CA GLY A 321 -52.57 15.85 11.38
C GLY A 321 -51.15 16.37 11.26
N THR A 322 -50.89 17.46 11.97
CA THR A 322 -49.60 18.13 11.92
C THR A 322 -48.98 18.15 13.32
N LEU A 323 -47.72 17.76 13.41
CA LEU A 323 -46.95 17.86 14.64
C LEU A 323 -45.94 18.98 14.45
N GLN A 324 -45.89 19.90 15.41
CA GLN A 324 -45.01 21.06 15.33
C GLN A 324 -44.16 21.15 16.58
N ALA A 325 -42.84 21.20 16.38
CA ALA A 325 -41.87 21.39 17.46
C ALA A 325 -40.86 22.44 17.02
N ASP A 326 -41.35 23.53 16.43
CA ASP A 326 -40.48 24.53 15.85
C ASP A 326 -39.93 25.47 16.91
N ASN A 327 -38.84 26.15 16.57
CA ASN A 327 -38.21 27.13 17.46
C ASN A 327 -37.73 28.28 16.58
N ALA A 328 -38.50 29.37 16.55
CA ALA A 328 -38.17 30.50 15.69
C ALA A 328 -36.87 31.16 16.12
N SER A 329 -36.53 31.10 17.40
CA SER A 329 -35.35 31.78 17.92
C SER A 329 -34.16 30.85 18.17
N GLY A 330 -34.38 29.55 18.28
CA GLY A 330 -33.28 28.64 18.56
C GLY A 330 -33.35 27.32 17.81
N GLN A 331 -33.02 26.23 18.48
CA GLN A 331 -33.02 24.90 17.88
C GLN A 331 -34.40 24.27 18.02
N GLY A 332 -34.89 23.68 16.93
CA GLY A 332 -36.19 23.08 16.93
C GLY A 332 -36.28 21.90 17.88
N GLY A 333 -37.52 21.50 18.18
CA GLY A 333 -37.78 20.46 19.15
C GLY A 333 -37.53 19.07 18.59
N LYS A 334 -37.75 18.08 19.46
CA LYS A 334 -37.53 16.68 19.14
C LYS A 334 -38.88 15.97 19.07
N VAL A 335 -39.16 15.35 17.93
CA VAL A 335 -40.41 14.62 17.71
C VAL A 335 -40.05 13.16 17.51
N VAL A 336 -40.68 12.29 18.29
CA VAL A 336 -40.44 10.85 18.23
C VAL A 336 -41.78 10.16 18.05
N VAL A 337 -41.87 9.29 17.05
CA VAL A 337 -43.07 8.50 16.80
C VAL A 337 -42.66 7.04 16.74
N GLN A 338 -43.09 6.25 17.71
CA GLN A 338 -42.72 4.85 17.81
C GLN A 338 -43.99 4.00 17.90
N GLY A 339 -43.86 2.74 17.54
CA GLY A 339 -44.99 1.83 17.61
C GLY A 339 -44.70 0.56 16.85
N LYS A 340 -45.78 -0.18 16.59
CA LYS A 340 -45.67 -1.37 15.74
C LYS A 340 -45.80 -1.00 14.28
N ASN A 341 -46.96 -0.44 13.90
CA ASN A 341 -47.21 0.02 12.54
C ASN A 341 -47.52 1.51 12.62
N ILE A 342 -46.80 2.31 11.85
CA ILE A 342 -46.98 3.76 11.83
C ILE A 342 -47.15 4.19 10.38
N LEU A 343 -48.31 4.78 10.07
CA LEU A 343 -48.59 5.31 8.75
C LEU A 343 -48.87 6.80 8.90
N LEU A 344 -48.24 7.61 8.04
CA LEU A 344 -48.45 9.04 8.02
C LEU A 344 -49.25 9.39 6.77
N ASP A 345 -50.41 10.02 6.96
CA ASP A 345 -51.34 10.25 5.88
C ASP A 345 -50.84 11.34 4.95
N LYS A 346 -51.67 11.68 3.96
CA LYS A 346 -51.29 12.71 2.99
C LYS A 346 -51.07 14.06 3.66
N GLY A 347 -51.92 14.40 4.62
CA GLY A 347 -51.84 15.67 5.31
C GLY A 347 -50.88 15.72 6.49
N SER A 348 -50.13 14.65 6.74
CA SER A 348 -49.18 14.68 7.85
C SER A 348 -48.11 15.72 7.59
N ASN A 349 -47.84 16.53 8.63
CA ASN A 349 -46.97 17.70 8.50
C ASN A 349 -46.03 17.80 9.70
N ILE A 350 -45.41 16.68 10.06
CA ILE A 350 -44.46 16.65 11.16
C ILE A 350 -43.33 17.62 10.86
N THR A 351 -43.20 18.66 11.68
CA THR A 351 -42.23 19.72 11.45
C THR A 351 -41.40 19.94 12.71
N ALA A 352 -40.08 19.97 12.53
CA ALA A 352 -39.14 20.18 13.63
C ALA A 352 -38.06 21.18 13.21
N THR A 353 -38.49 22.26 12.55
CA THR A 353 -37.59 23.30 12.10
C THR A 353 -37.14 24.15 13.29
N GLY A 354 -36.10 24.94 13.05
CA GLY A 354 -35.59 25.82 14.09
C GLY A 354 -34.86 26.99 13.49
N GLY A 355 -34.93 28.11 14.20
CA GLY A 355 -34.27 29.33 13.76
C GLY A 355 -32.77 29.22 13.74
N GLN A 356 -32.19 28.65 14.79
CA GLN A 356 -30.75 28.48 14.90
C GLN A 356 -30.29 27.07 14.56
N GLY A 357 -31.17 26.26 14.00
CA GLY A 357 -30.85 24.90 13.61
C GLY A 357 -32.07 24.02 13.77
N GLY A 358 -32.18 23.02 12.88
CA GLY A 358 -33.31 22.14 12.91
C GLY A 358 -33.30 21.21 14.12
N GLY A 359 -34.48 20.71 14.45
CA GLY A 359 -34.66 19.78 15.55
C GLY A 359 -34.30 18.37 15.16
N GLU A 360 -35.11 17.42 15.62
CA GLU A 360 -34.96 16.03 15.26
C GLU A 360 -36.32 15.38 15.07
N VAL A 361 -36.39 14.40 14.18
CA VAL A 361 -37.60 13.65 13.93
C VAL A 361 -37.22 12.18 13.86
N TYR A 362 -38.03 11.32 14.46
CA TYR A 362 -37.83 9.88 14.42
C TYR A 362 -39.17 9.20 14.18
N VAL A 363 -39.23 8.38 13.14
CA VAL A 363 -40.44 7.67 12.78
C VAL A 363 -40.12 6.18 12.81
N GLY A 364 -40.50 5.50 13.88
CA GLY A 364 -40.28 4.08 14.00
C GLY A 364 -38.99 3.68 14.66
N GLY A 365 -38.16 4.62 15.07
CA GLY A 365 -36.91 4.29 15.74
C GLY A 365 -35.91 5.40 15.59
N GLY A 366 -34.73 5.16 16.18
CA GLY A 366 -33.64 6.10 16.11
C GLY A 366 -32.78 5.87 14.89
N TRP A 367 -31.64 6.56 14.86
CA TRP A 367 -30.68 6.40 13.77
C TRP A 367 -30.23 4.95 13.68
N GLN A 368 -30.43 4.36 12.49
CA GLN A 368 -30.11 2.96 12.24
C GLN A 368 -30.84 2.01 13.20
N GLY A 369 -31.91 2.49 13.83
CA GLY A 369 -32.63 1.69 14.80
C GLY A 369 -31.84 1.34 16.04
N LYS A 370 -30.73 2.04 16.30
CA LYS A 370 -29.84 1.70 17.41
C LYS A 370 -30.10 2.53 18.65
N ASP A 371 -31.12 3.38 18.67
CA ASP A 371 -31.47 4.14 19.87
C ASP A 371 -32.31 3.25 20.77
N SER A 372 -31.83 3.02 21.99
CA SER A 372 -32.50 2.13 22.92
C SER A 372 -33.71 2.76 23.59
N ASN A 373 -33.89 4.07 23.48
CA ASN A 373 -35.01 4.75 24.11
C ASN A 373 -36.26 4.79 23.25
N ILE A 374 -36.20 4.30 22.02
CA ILE A 374 -37.31 4.34 21.09
C ILE A 374 -37.54 2.93 20.56
N ARG A 375 -38.79 2.47 20.62
CA ARG A 375 -39.13 1.15 20.11
C ARG A 375 -38.99 1.12 18.60
N ASN A 376 -38.47 0.01 18.07
CA ASN A 376 -38.29 -0.13 16.64
C ASN A 376 -39.59 -0.60 16.00
N ALA A 377 -40.09 0.16 15.03
CA ALA A 377 -41.34 -0.18 14.38
C ALA A 377 -41.18 -1.41 13.50
N ASP A 378 -42.26 -2.17 13.36
CA ASP A 378 -42.25 -3.29 12.45
C ASP A 378 -42.44 -2.84 11.00
N LYS A 379 -43.37 -1.94 10.75
CA LYS A 379 -43.61 -1.40 9.42
C LYS A 379 -43.92 0.08 9.51
N VAL A 380 -43.30 0.86 8.63
CA VAL A 380 -43.54 2.30 8.53
C VAL A 380 -43.83 2.63 7.07
N VAL A 381 -44.96 3.28 6.83
CA VAL A 381 -45.37 3.65 5.47
C VAL A 381 -45.54 5.15 5.43
N MET A 382 -44.99 5.78 4.40
CA MET A 382 -45.09 7.22 4.19
C MET A 382 -45.82 7.46 2.88
N GLN A 383 -47.11 7.78 2.96
CA GLN A 383 -47.92 8.00 1.78
C GLN A 383 -47.45 9.22 1.01
N GLY A 384 -47.72 9.23 -0.29
CA GLY A 384 -47.33 10.36 -1.11
C GLY A 384 -47.98 11.65 -0.65
N GLY A 385 -47.21 12.72 -0.69
CA GLY A 385 -47.64 14.02 -0.22
C GLY A 385 -47.37 14.27 1.24
N ALA A 386 -47.09 13.23 2.01
CA ALA A 386 -46.72 13.40 3.41
C ALA A 386 -45.37 14.11 3.50
N ARG A 387 -45.24 14.95 4.53
CA ARG A 387 -44.06 15.80 4.64
C ARG A 387 -43.52 15.80 6.06
N ILE A 388 -42.22 15.56 6.17
CA ILE A 388 -41.47 15.77 7.41
C ILE A 388 -40.42 16.82 7.12
N ASP A 389 -40.42 17.91 7.90
CA ASP A 389 -39.51 19.02 7.65
C ASP A 389 -38.73 19.27 8.93
N VAL A 390 -37.40 19.18 8.82
CA VAL A 390 -36.49 19.48 9.92
C VAL A 390 -35.46 20.51 9.49
N SER A 391 -35.68 21.15 8.35
CA SER A 391 -34.74 22.09 7.78
C SER A 391 -34.62 23.35 8.66
N ALA A 392 -33.41 23.91 8.68
CA ALA A 392 -33.19 25.18 9.35
C ALA A 392 -33.82 26.31 8.54
N THR A 393 -34.34 27.31 9.27
CA THR A 393 -35.07 28.40 8.63
C THR A 393 -34.19 29.59 8.25
N GLN A 394 -33.33 30.05 9.15
CA GLN A 394 -32.54 31.25 8.88
C GLN A 394 -31.06 30.93 8.76
N GLN A 395 -30.50 30.33 9.81
CA GLN A 395 -29.07 30.05 9.85
C GLN A 395 -28.82 28.92 10.84
N GLY A 396 -28.12 27.89 10.39
CA GLY A 396 -27.80 26.77 11.25
C GLY A 396 -27.83 25.47 10.47
N ASN A 397 -27.40 24.41 11.14
CA ASN A 397 -27.37 23.10 10.53
C ASN A 397 -28.75 22.47 10.53
N GLY A 398 -29.04 21.73 9.45
CA GLY A 398 -30.29 21.01 9.38
C GLY A 398 -30.35 19.88 10.39
N GLY A 399 -31.58 19.47 10.70
CA GLY A 399 -31.83 18.45 11.68
C GLY A 399 -31.75 17.05 11.12
N THR A 400 -32.27 16.11 11.89
CA THR A 400 -32.23 14.69 11.54
C THR A 400 -33.65 14.15 11.44
N ALA A 401 -33.97 13.53 10.31
CA ALA A 401 -35.22 12.83 10.13
C ALA A 401 -34.93 11.37 9.84
N VAL A 402 -35.55 10.47 10.59
CA VAL A 402 -35.24 9.05 10.51
C VAL A 402 -36.53 8.27 10.27
N LEU A 403 -36.48 7.32 9.35
CA LEU A 403 -37.57 6.39 9.11
C LEU A 403 -36.99 4.98 9.16
N TRP A 404 -37.22 4.29 10.27
CA TRP A 404 -36.68 2.96 10.50
C TRP A 404 -37.82 1.98 10.70
N SER A 405 -37.66 0.78 10.15
CA SER A 405 -38.58 -0.32 10.40
C SER A 405 -37.81 -1.62 10.37
N ASP A 406 -38.40 -2.66 10.96
CA ASP A 406 -37.71 -3.93 11.05
C ASP A 406 -38.15 -4.90 9.96
N SER A 407 -39.29 -4.66 9.32
CA SER A 407 -39.80 -5.55 8.29
C SER A 407 -39.96 -4.88 6.93
N TYR A 408 -40.56 -3.70 6.86
CA TYR A 408 -40.95 -3.13 5.57
C TYR A 408 -41.20 -1.65 5.70
N THR A 409 -40.49 -0.85 4.89
CA THR A 409 -40.67 0.59 4.84
C THR A 409 -40.99 1.03 3.41
N ASN A 410 -42.18 1.57 3.22
CA ASN A 410 -42.59 2.16 1.95
C ASN A 410 -42.63 3.67 2.15
N PHE A 411 -41.76 4.38 1.46
CA PHE A 411 -41.61 5.83 1.63
C PHE A 411 -41.89 6.51 0.30
N HIS A 412 -42.84 7.44 0.30
CA HIS A 412 -43.17 8.22 -0.88
C HIS A 412 -43.22 9.72 -0.61
N GLY A 413 -43.01 10.15 0.63
CA GLY A 413 -43.20 11.53 1.01
C GLY A 413 -41.99 12.42 0.73
N GLN A 414 -42.05 13.62 1.28
CA GLN A 414 -40.99 14.62 1.13
C GLN A 414 -40.37 14.88 2.49
N ILE A 415 -39.03 14.91 2.53
CA ILE A 415 -38.29 15.17 3.75
C ILE A 415 -37.36 16.34 3.50
N GLY A 416 -37.44 17.36 4.35
CA GLY A 416 -36.61 18.54 4.25
C GLY A 416 -35.60 18.61 5.37
N ALA A 417 -34.32 18.58 5.00
CA ALA A 417 -33.23 18.69 5.97
C ALA A 417 -32.27 19.77 5.50
N LYS A 418 -32.80 20.83 4.91
CA LYS A 418 -31.99 21.92 4.40
C LYS A 418 -31.35 22.71 5.53
N GLY A 419 -30.11 23.14 5.31
CA GLY A 419 -29.44 23.97 6.26
C GLY A 419 -29.95 25.40 6.23
N GLY A 420 -29.44 26.21 7.15
CA GLY A 420 -29.81 27.61 7.18
C GLY A 420 -29.39 28.33 5.91
N GLU A 421 -30.28 29.20 5.43
CA GLU A 421 -30.02 29.89 4.18
C GLU A 421 -28.81 30.81 4.27
N THR A 422 -28.65 31.51 5.39
CA THR A 422 -27.53 32.42 5.59
C THR A 422 -26.32 31.74 6.21
N GLY A 423 -26.39 30.44 6.43
CA GLY A 423 -25.27 29.69 6.98
C GLY A 423 -25.75 28.42 7.64
N GLY A 424 -24.85 27.45 7.70
CA GLY A 424 -25.16 26.17 8.29
C GLY A 424 -25.21 25.05 7.26
N ASN A 425 -24.82 23.86 7.69
CA ASN A 425 -24.76 22.70 6.81
C ASN A 425 -26.13 22.02 6.70
N GLY A 426 -26.28 21.18 5.68
CA GLY A 426 -27.51 20.44 5.52
C GLY A 426 -27.66 19.35 6.56
N GLY A 427 -28.91 18.95 6.79
CA GLY A 427 -29.23 17.93 7.75
C GLY A 427 -28.96 16.54 7.21
N ARG A 428 -29.36 15.53 7.98
CA ARG A 428 -29.19 14.14 7.59
C ARG A 428 -30.53 13.44 7.62
N VAL A 429 -30.77 12.60 6.61
CA VAL A 429 -32.02 11.87 6.47
C VAL A 429 -31.69 10.40 6.28
N GLU A 430 -32.37 9.53 7.02
CA GLU A 430 -32.16 8.09 6.90
C GLU A 430 -33.50 7.41 6.65
N THR A 431 -33.57 6.66 5.57
CA THR A 431 -34.78 5.90 5.20
C THR A 431 -34.33 4.46 5.07
N SER A 432 -34.35 3.73 6.18
CA SER A 432 -33.76 2.40 6.21
C SER A 432 -34.76 1.41 6.80
N SER A 433 -34.72 0.19 6.28
CA SER A 433 -35.59 -0.88 6.75
C SER A 433 -34.78 -2.17 6.84
N HIS A 434 -34.93 -2.86 7.97
CA HIS A 434 -34.20 -4.11 8.15
C HIS A 434 -34.65 -5.18 7.17
N GLY A 435 -35.85 -5.07 6.63
CA GLY A 435 -36.34 -6.02 5.65
C GLY A 435 -36.44 -5.46 4.25
N ASN A 436 -37.67 -5.17 3.81
CA ASN A 436 -37.94 -4.65 2.48
C ASN A 436 -38.02 -3.13 2.58
N LEU A 437 -37.46 -2.44 1.59
CA LEU A 437 -37.44 -0.98 1.55
C LEU A 437 -38.00 -0.50 0.22
N GLN A 438 -38.97 0.41 0.28
CA GLN A 438 -39.52 1.04 -0.91
C GLN A 438 -39.39 2.55 -0.77
N ALA A 439 -38.24 3.08 -1.18
CA ALA A 439 -37.95 4.51 -1.10
C ALA A 439 -38.22 5.12 -2.47
N PHE A 440 -39.33 5.83 -2.59
CA PHE A 440 -39.72 6.45 -3.86
C PHE A 440 -40.02 7.93 -3.74
N GLY A 441 -39.97 8.50 -2.55
CA GLY A 441 -40.26 9.91 -2.35
C GLY A 441 -39.06 10.78 -2.65
N THR A 442 -39.19 12.05 -2.23
CA THR A 442 -38.15 13.05 -2.44
C THR A 442 -37.58 13.48 -1.10
N VAL A 443 -36.29 13.82 -1.10
CA VAL A 443 -35.59 14.28 0.09
C VAL A 443 -34.78 15.51 -0.29
N SER A 444 -34.71 16.48 0.63
CA SER A 444 -33.97 17.71 0.38
C SER A 444 -33.15 18.05 1.61
N ALA A 445 -31.83 17.91 1.50
CA ALA A 445 -30.90 18.24 2.58
C ALA A 445 -29.82 19.18 2.04
N SER A 446 -30.16 19.96 1.03
CA SER A 446 -29.21 20.88 0.41
C SER A 446 -28.92 22.04 1.34
N ALA A 447 -27.82 22.73 1.05
CA ALA A 447 -27.41 23.90 1.82
C ALA A 447 -27.06 25.03 0.88
N LYS A 448 -27.64 26.20 1.14
CA LYS A 448 -27.33 27.38 0.34
C LYS A 448 -25.90 27.86 0.56
N LYS A 449 -25.39 27.73 1.77
CA LYS A 449 -24.03 28.14 2.10
C LYS A 449 -23.18 27.04 2.69
N GLY A 450 -23.77 26.06 3.37
CA GLY A 450 -23.03 25.03 4.05
C GLY A 450 -22.79 23.80 3.20
N LYS A 451 -22.26 22.76 3.85
CA LYS A 451 -21.98 21.51 3.16
C LYS A 451 -23.27 20.76 2.88
N ALA A 452 -23.20 19.84 1.91
CA ALA A 452 -24.37 19.09 1.49
C ALA A 452 -24.83 18.14 2.60
N GLY A 453 -26.14 17.87 2.61
CA GLY A 453 -26.70 16.88 3.50
C GLY A 453 -26.53 15.47 2.97
N ASN A 454 -27.16 14.53 3.65
CA ASN A 454 -27.02 13.12 3.31
C ASN A 454 -28.37 12.43 3.37
N TRP A 455 -28.71 11.71 2.30
CA TRP A 455 -29.87 10.84 2.27
C TRP A 455 -29.40 9.40 2.38
N LEU A 456 -29.46 8.83 3.57
CA LEU A 456 -28.95 7.51 3.86
C LEU A 456 -30.05 6.47 3.65
N LEU A 457 -29.68 5.32 3.11
CA LEU A 457 -30.60 4.20 2.95
C LEU A 457 -29.91 2.92 3.41
N ASP A 458 -30.71 1.97 3.89
CA ASP A 458 -30.16 0.70 4.35
C ASP A 458 -31.28 -0.34 4.29
N SER A 459 -31.04 -1.43 3.57
CA SER A 459 -32.00 -2.51 3.47
C SER A 459 -31.27 -3.84 3.49
N ALA A 460 -32.05 -4.92 3.45
CA ALA A 460 -31.45 -6.26 3.35
C ALA A 460 -30.65 -6.39 2.07
N ASP A 461 -31.32 -6.32 0.92
CA ASP A 461 -30.65 -6.15 -0.37
C ASP A 461 -31.46 -5.13 -1.17
N ILE A 462 -30.76 -4.32 -1.95
CA ILE A 462 -31.35 -3.16 -2.61
C ILE A 462 -31.02 -3.20 -4.09
N THR A 463 -32.02 -2.97 -4.94
CA THR A 463 -31.78 -2.92 -6.41
C THR A 463 -32.36 -1.63 -6.97
N ILE A 464 -31.49 -0.78 -7.56
CA ILE A 464 -31.96 0.50 -8.15
C ILE A 464 -32.83 0.19 -9.38
N VAL A 465 -34.01 0.81 -9.46
CA VAL A 465 -34.89 0.60 -10.62
C VAL A 465 -35.12 1.93 -11.31
N ASN A 466 -35.61 1.85 -12.55
CA ASN A 466 -35.83 3.03 -13.37
C ASN A 466 -37.25 3.56 -13.14
N GLY A 467 -37.36 4.83 -12.80
CA GLY A 467 -38.64 5.47 -12.63
C GLY A 467 -39.36 5.00 -11.38
N SER A 468 -40.59 5.50 -11.23
CA SER A 468 -41.43 5.19 -10.08
C SER A 468 -42.67 4.38 -10.47
N ASN A 469 -42.73 3.88 -11.69
CA ASN A 469 -43.87 3.06 -12.14
C ASN A 469 -43.65 1.62 -11.65
N VAL A 470 -43.89 1.42 -10.36
CA VAL A 470 -43.68 0.14 -9.71
C VAL A 470 -44.99 -0.42 -9.15
N SER A 471 -46.12 0.06 -9.64
CA SER A 471 -47.44 -0.36 -9.17
C SER A 471 -47.57 -0.15 -7.65
N LYS A 472 -47.12 1.02 -7.20
CA LYS A 472 -47.21 1.36 -5.79
C LYS A 472 -48.67 1.50 -5.36
N THR A 473 -48.92 1.16 -4.10
CA THR A 473 -50.27 1.17 -3.53
C THR A 473 -50.31 2.17 -2.39
N GLU A 474 -50.70 3.41 -2.68
CA GLU A 474 -50.78 4.44 -1.67
C GLU A 474 -52.20 4.97 -1.47
N THR A 475 -52.84 5.41 -2.55
CA THR A 475 -54.18 5.98 -2.48
C THR A 475 -55.17 5.39 -3.46
N THR A 476 -54.72 4.95 -4.63
CA THR A 476 -55.60 4.39 -5.64
C THR A 476 -55.69 2.88 -5.44
N GLN A 477 -56.92 2.36 -5.42
CA GLN A 477 -57.18 0.96 -5.11
C GLN A 477 -56.53 0.57 -3.78
N SER A 478 -56.65 1.45 -2.80
CA SER A 478 -56.01 1.25 -1.50
C SER A 478 -57.06 1.28 -0.39
N PRO A 479 -57.60 0.12 -0.02
CA PRO A 479 -58.39 0.04 1.20
C PRO A 479 -57.55 0.43 2.40
N PRO A 480 -58.16 0.60 3.56
CA PRO A 480 -57.42 1.17 4.70
C PRO A 480 -56.59 0.16 5.49
N HIS A 481 -55.30 0.46 5.60
CA HIS A 481 -54.26 -0.36 6.25
C HIS A 481 -53.86 -1.57 5.42
N THR A 482 -54.17 -1.60 4.11
CA THR A 482 -53.65 -2.65 3.25
C THR A 482 -52.25 -2.34 2.73
N GLN A 483 -51.77 -1.11 2.89
CA GLN A 483 -50.41 -0.76 2.50
C GLN A 483 -49.38 -1.43 3.40
N PHE A 484 -49.79 -2.02 4.52
CA PHE A 484 -48.91 -2.73 5.42
C PHE A 484 -48.60 -4.14 4.95
N ALA A 485 -49.14 -4.53 3.79
CA ALA A 485 -48.83 -5.81 3.16
C ALA A 485 -47.90 -5.56 1.99
N PRO A 486 -46.59 -5.66 2.18
CA PRO A 486 -45.66 -5.42 1.06
C PRO A 486 -45.84 -6.46 -0.04
N THR A 487 -45.65 -6.00 -1.28
CA THR A 487 -45.78 -6.87 -2.44
C THR A 487 -44.52 -6.97 -3.28
N ALA A 488 -43.77 -5.88 -3.46
CA ALA A 488 -42.57 -5.89 -4.30
C ALA A 488 -41.38 -6.41 -3.49
N ALA A 489 -41.14 -7.71 -3.65
CA ALA A 489 -39.98 -8.33 -3.01
C ALA A 489 -38.69 -7.78 -3.62
N GLY A 490 -37.72 -7.51 -2.76
CA GLY A 490 -36.51 -6.83 -3.20
C GLY A 490 -36.65 -5.33 -3.06
N SER A 491 -35.74 -4.73 -2.30
CA SER A 491 -35.87 -3.32 -1.91
C SER A 491 -35.54 -2.43 -3.11
N ALA A 492 -36.54 -2.24 -3.95
CA ALA A 492 -36.40 -1.37 -5.11
C ALA A 492 -36.31 0.09 -4.67
N VAL A 493 -35.49 0.85 -5.39
CA VAL A 493 -35.38 2.30 -5.21
C VAL A 493 -35.39 2.95 -6.58
N SER A 494 -36.24 3.96 -6.75
CA SER A 494 -36.33 4.65 -8.02
C SER A 494 -35.08 5.45 -8.28
N ASN A 495 -34.50 5.28 -9.47
CA ASN A 495 -33.34 6.09 -9.84
C ASN A 495 -33.73 7.56 -10.01
N THR A 496 -35.01 7.82 -10.26
CA THR A 496 -35.47 9.20 -10.36
C THR A 496 -35.26 9.95 -9.05
N SER A 497 -35.54 9.29 -7.93
CA SER A 497 -35.32 9.92 -6.63
C SER A 497 -33.86 10.26 -6.42
N ILE A 498 -32.97 9.31 -6.65
CA ILE A 498 -31.54 9.55 -6.43
C ILE A 498 -31.00 10.49 -7.49
N ASN A 499 -31.60 10.50 -8.68
CA ASN A 499 -31.23 11.47 -9.70
C ASN A 499 -31.46 12.89 -9.19
N ASN A 500 -32.63 13.13 -8.62
CA ASN A 500 -32.92 14.46 -8.06
C ASN A 500 -32.03 14.77 -6.85
N ARG A 501 -31.68 13.74 -6.07
CA ARG A 501 -30.82 13.95 -4.91
C ARG A 501 -29.45 14.48 -5.30
N LEU A 502 -28.87 13.89 -6.35
CA LEU A 502 -27.60 14.40 -6.85
C LEU A 502 -27.80 15.75 -7.53
N ASN A 503 -28.98 15.95 -8.14
CA ASN A 503 -29.25 17.22 -8.88
C ASN A 503 -29.45 18.38 -7.91
N ASN A 504 -29.84 18.11 -6.67
CA ASN A 504 -30.13 19.16 -5.70
C ASN A 504 -29.01 19.34 -4.68
N GLY A 505 -27.82 18.83 -4.96
CA GLY A 505 -26.71 18.98 -4.05
C GLY A 505 -26.86 18.24 -2.74
N THR A 506 -27.33 17.01 -2.75
CA THR A 506 -27.45 16.19 -1.55
C THR A 506 -26.76 14.86 -1.78
N SER A 507 -25.96 14.44 -0.80
CA SER A 507 -25.28 13.15 -0.90
C SER A 507 -26.26 12.01 -0.76
N VAL A 508 -25.90 10.86 -1.32
CA VAL A 508 -26.69 9.64 -1.22
C VAL A 508 -25.77 8.55 -0.69
N THR A 509 -26.23 7.80 0.29
CA THR A 509 -25.45 6.73 0.90
C THR A 509 -26.36 5.51 1.06
N ILE A 510 -25.92 4.38 0.52
CA ILE A 510 -26.71 3.16 0.48
C ILE A 510 -25.90 2.02 1.09
N LEU A 511 -26.46 1.36 2.09
CA LEU A 511 -25.83 0.22 2.73
C LEU A 511 -26.77 -0.98 2.76
N THR A 512 -26.18 -2.15 2.98
CA THR A 512 -26.93 -3.36 3.32
C THR A 512 -26.24 -4.04 4.49
N HIS A 513 -26.77 -5.20 4.85
CA HIS A 513 -26.19 -6.06 5.88
C HIS A 513 -26.84 -7.43 5.79
N ARG A 514 -26.03 -8.49 5.73
CA ARG A 514 -26.58 -9.83 5.55
C ARG A 514 -27.40 -10.24 6.77
N THR A 515 -28.55 -10.83 6.51
CA THR A 515 -29.41 -11.34 7.56
C THR A 515 -28.93 -12.71 8.02
N ARG A 516 -29.76 -13.39 8.81
CA ARG A 516 -29.41 -14.72 9.27
C ARG A 516 -29.34 -15.70 8.09
N THR A 517 -28.53 -16.74 8.26
CA THR A 517 -28.35 -17.73 7.20
C THR A 517 -29.66 -18.44 6.92
N GLY A 518 -29.91 -18.72 5.64
CA GLY A 518 -31.13 -19.36 5.19
C GLY A 518 -32.00 -18.48 4.32
N THR A 519 -31.73 -17.18 4.27
CA THR A 519 -32.48 -16.26 3.42
C THR A 519 -31.70 -15.95 2.16
N ALA A 520 -32.43 -15.54 1.12
CA ALA A 520 -31.82 -15.12 -0.13
C ALA A 520 -31.33 -13.68 -0.08
N GLN A 521 -31.57 -12.98 1.03
CA GLN A 521 -31.13 -11.60 1.21
C GLN A 521 -29.67 -11.61 1.64
N GLY A 522 -28.78 -11.81 0.67
CA GLY A 522 -27.36 -11.87 0.96
C GLY A 522 -26.72 -10.52 1.22
N GLY A 523 -27.46 -9.44 0.99
CA GLY A 523 -26.92 -8.11 1.19
C GLY A 523 -26.35 -7.46 -0.04
N ASN A 524 -26.94 -7.70 -1.21
CA ASN A 524 -26.38 -7.25 -2.47
C ASN A 524 -26.93 -5.88 -2.87
N ILE A 525 -26.20 -5.22 -3.75
CA ILE A 525 -26.66 -4.00 -4.41
C ILE A 525 -26.66 -4.26 -5.91
N THR A 526 -27.74 -3.88 -6.59
CA THR A 526 -27.80 -4.02 -8.06
C THR A 526 -28.30 -2.71 -8.68
N VAL A 527 -27.44 -2.02 -9.45
CA VAL A 527 -27.87 -0.77 -10.14
C VAL A 527 -28.54 -1.16 -11.47
N ASN A 528 -29.87 -1.17 -11.51
CA ASN A 528 -30.61 -1.53 -12.75
C ASN A 528 -31.21 -0.26 -13.38
N ALA A 529 -30.50 0.87 -13.28
CA ALA A 529 -30.96 2.13 -13.90
C ALA A 529 -29.86 3.18 -13.87
N ALA A 530 -29.77 4.00 -14.92
CA ALA A 530 -28.78 5.07 -14.96
C ALA A 530 -28.98 6.03 -13.79
N ILE A 531 -27.87 6.47 -13.21
CA ILE A 531 -27.86 7.46 -12.14
C ILE A 531 -27.15 8.69 -12.66
N ASN A 532 -27.88 9.81 -12.78
CA ASN A 532 -27.26 11.01 -13.41
C ASN A 532 -27.24 12.21 -12.46
N LYS A 533 -26.36 13.17 -12.73
CA LYS A 533 -26.29 14.41 -11.92
C LYS A 533 -25.89 15.56 -12.85
N GLY A 534 -26.86 16.18 -13.52
CA GLY A 534 -26.54 17.23 -14.50
C GLY A 534 -26.61 18.63 -13.91
N ASN A 535 -26.79 18.74 -12.59
CA ASN A 535 -26.94 20.07 -11.95
C ASN A 535 -26.61 20.00 -10.46
N GLY A 536 -26.19 21.11 -9.87
CA GLY A 536 -25.89 21.15 -8.45
C GLY A 536 -24.40 21.19 -8.16
N SER A 537 -24.10 21.48 -6.89
CA SER A 537 -22.73 21.58 -6.43
C SER A 537 -22.14 20.20 -6.15
N ASP A 538 -20.99 20.20 -5.47
CA ASP A 538 -20.28 18.95 -5.23
C ASP A 538 -21.07 18.03 -4.30
N VAL A 539 -21.20 16.77 -4.71
CA VAL A 539 -21.97 15.78 -3.97
C VAL A 539 -21.16 14.49 -3.88
N ASN A 540 -21.65 13.57 -3.05
CA ASN A 540 -21.07 12.24 -2.89
C ASN A 540 -22.14 11.18 -3.05
N LEU A 541 -21.70 9.96 -3.37
CA LEU A 541 -22.59 8.83 -3.55
C LEU A 541 -21.81 7.56 -3.20
N THR A 542 -22.10 6.97 -2.05
CA THR A 542 -21.39 5.80 -1.58
C THR A 542 -22.34 4.63 -1.44
N LEU A 543 -21.97 3.50 -2.04
CA LEU A 543 -22.75 2.26 -1.99
C LEU A 543 -21.88 1.22 -1.30
N GLN A 544 -22.20 0.89 -0.06
CA GLN A 544 -21.41 -0.04 0.75
C GLN A 544 -22.29 -1.19 1.20
N ALA A 545 -22.25 -2.29 0.47
CA ALA A 545 -23.08 -3.45 0.80
C ALA A 545 -22.24 -4.56 1.42
N GLY A 546 -22.94 -5.46 2.13
CA GLY A 546 -22.31 -6.67 2.61
C GLY A 546 -22.30 -7.81 1.61
N GLY A 547 -22.86 -7.58 0.43
CA GLY A 547 -22.91 -8.61 -0.60
C GLY A 547 -22.16 -8.24 -1.86
N ASN A 548 -22.89 -8.11 -2.96
CA ASN A 548 -22.29 -7.73 -4.24
C ASN A 548 -22.64 -6.29 -4.58
N ILE A 549 -21.83 -5.71 -5.47
CA ILE A 549 -22.03 -4.34 -5.92
C ILE A 549 -22.26 -4.42 -7.43
N THR A 550 -22.99 -5.45 -7.85
CA THR A 550 -23.28 -5.64 -9.30
C THR A 550 -23.82 -4.34 -9.88
N VAL A 551 -23.03 -3.66 -10.73
CA VAL A 551 -23.50 -2.42 -11.40
C VAL A 551 -23.72 -2.74 -12.88
N ASN A 552 -24.92 -2.45 -13.41
CA ASN A 552 -25.25 -2.77 -14.82
C ASN A 552 -25.89 -1.55 -15.48
N ASN A 553 -25.42 -0.35 -15.15
CA ASN A 553 -26.04 0.91 -15.66
C ASN A 553 -25.11 2.09 -15.38
N SER A 554 -25.00 3.01 -16.34
CA SER A 554 -24.11 4.16 -16.19
C SER A 554 -24.45 4.96 -14.94
N ILE A 555 -23.41 5.51 -14.32
CA ILE A 555 -23.53 6.50 -13.26
C ILE A 555 -22.79 7.73 -13.73
N THR A 556 -23.51 8.69 -14.32
CA THR A 556 -22.90 9.82 -14.98
C THR A 556 -23.19 11.09 -14.20
N SER A 557 -22.36 12.10 -14.45
CA SER A 557 -22.52 13.42 -13.85
C SER A 557 -21.87 14.44 -14.76
N THR A 558 -22.68 15.36 -15.28
CA THR A 558 -22.16 16.39 -16.23
C THR A 558 -21.77 17.65 -15.44
N GLU A 559 -22.62 18.08 -14.51
CA GLU A 559 -22.33 19.32 -13.73
C GLU A 559 -21.85 18.96 -12.32
N GLY A 560 -20.79 19.60 -11.86
CA GLY A 560 -20.28 19.35 -10.52
C GLY A 560 -19.49 18.06 -10.44
N LYS A 561 -19.20 17.65 -9.20
CA LYS A 561 -18.41 16.46 -8.94
C LYS A 561 -19.31 15.39 -8.33
N LEU A 562 -19.07 14.14 -8.71
CA LEU A 562 -19.82 12.99 -8.18
C LEU A 562 -18.82 11.96 -7.68
N ASN A 563 -18.49 12.04 -6.39
CA ASN A 563 -17.51 11.16 -5.78
C ASN A 563 -18.16 9.81 -5.46
N VAL A 564 -17.94 8.82 -6.33
CA VAL A 564 -18.54 7.50 -6.18
C VAL A 564 -17.62 6.66 -5.31
N ASN A 565 -18.21 5.97 -4.33
CA ASN A 565 -17.49 5.05 -3.46
C ASN A 565 -18.29 3.76 -3.38
N LEU A 566 -18.03 2.84 -4.29
CA LEU A 566 -18.70 1.54 -4.30
C LEU A 566 -17.99 0.58 -3.34
N SER A 567 -18.02 0.94 -2.06
CA SER A 567 -17.33 0.16 -1.06
C SER A 567 -18.03 -1.18 -0.81
N GLY A 568 -17.26 -2.13 -0.31
CA GLY A 568 -17.83 -3.30 0.33
C GLY A 568 -17.88 -3.10 1.84
N ALA A 569 -18.68 -3.92 2.49
CA ALA A 569 -18.79 -3.84 3.94
C ALA A 569 -17.46 -4.18 4.59
N ARG A 570 -17.23 -3.62 5.78
CA ARG A 570 -15.97 -3.85 6.48
C ARG A 570 -15.69 -5.33 6.67
N THR A 571 -16.73 -6.11 6.96
CA THR A 571 -16.61 -7.55 7.08
C THR A 571 -17.26 -8.27 5.90
N SER A 572 -17.31 -7.61 4.73
CA SER A 572 -17.97 -8.20 3.57
C SER A 572 -17.21 -9.44 3.10
N ASN A 573 -17.96 -10.37 2.51
CA ASN A 573 -17.39 -11.56 1.90
C ASN A 573 -17.84 -11.64 0.45
N GLY A 574 -18.25 -10.51 -0.11
CA GLY A 574 -18.77 -10.50 -1.49
C GLY A 574 -17.76 -9.93 -2.49
N SER A 575 -18.26 -9.42 -3.62
CA SER A 575 -17.36 -8.86 -4.67
C SER A 575 -18.04 -7.68 -5.36
N ILE A 576 -17.28 -6.95 -6.19
CA ILE A 576 -17.84 -5.77 -6.92
C ILE A 576 -17.74 -6.03 -8.42
N THR A 577 -18.87 -6.03 -9.12
CA THR A 577 -18.88 -6.30 -10.58
C THR A 577 -19.51 -5.13 -11.33
N ILE A 578 -18.74 -4.49 -12.21
CA ILE A 578 -19.24 -3.38 -13.02
C ILE A 578 -19.18 -3.82 -14.49
N SER A 579 -20.29 -4.35 -15.00
CA SER A 579 -20.26 -4.88 -16.39
C SER A 579 -21.40 -4.29 -17.23
N ASN A 580 -21.69 -4.89 -18.39
CA ASN A 580 -22.74 -4.38 -19.30
C ASN A 580 -22.48 -2.92 -19.65
N ASN A 581 -21.24 -2.59 -20.01
CA ASN A 581 -20.89 -1.19 -20.42
C ASN A 581 -21.45 -0.19 -19.41
N ALA A 582 -21.25 -0.43 -18.11
CA ALA A 582 -21.70 0.52 -17.07
C ALA A 582 -20.61 1.58 -16.86
N ASN A 583 -20.58 2.56 -17.78
CA ASN A 583 -19.61 3.68 -17.70
C ASN A 583 -19.91 4.53 -16.48
N ILE A 584 -18.87 5.00 -15.79
CA ILE A 584 -19.06 5.91 -14.67
C ILE A 584 -18.31 7.20 -14.96
N THR A 585 -19.07 8.26 -15.21
CA THR A 585 -18.47 9.59 -15.47
C THR A 585 -18.68 10.45 -14.22
N THR A 586 -17.63 11.10 -13.73
CA THR A 586 -17.71 11.88 -12.51
C THR A 586 -17.41 13.36 -12.68
N ASN A 587 -17.05 13.77 -13.90
CA ASN A 587 -16.78 15.22 -14.18
C ASN A 587 -15.86 15.77 -13.09
N GLY A 588 -14.81 15.03 -12.73
CA GLY A 588 -13.83 15.47 -11.76
C GLY A 588 -13.93 14.80 -10.41
N GLY A 589 -14.88 13.89 -10.23
CA GLY A 589 -15.06 13.24 -8.94
C GLY A 589 -14.24 11.98 -8.80
N ASP A 590 -13.94 11.65 -7.54
CA ASP A 590 -13.18 10.46 -7.20
C ASP A 590 -14.00 9.20 -7.44
N ILE A 591 -13.31 8.09 -7.63
CA ILE A 591 -13.94 6.77 -7.66
C ILE A 591 -13.06 5.86 -6.81
N THR A 592 -13.62 5.38 -5.70
CA THR A 592 -12.93 4.47 -4.81
C THR A 592 -13.78 3.22 -4.66
N VAL A 593 -13.51 2.21 -5.48
CA VAL A 593 -14.31 1.00 -5.52
C VAL A 593 -13.85 0.01 -4.46
N GLY A 594 -12.61 0.13 -4.00
CA GLY A 594 -12.16 -0.71 -2.91
C GLY A 594 -12.53 -0.08 -1.59
N THR A 595 -11.80 -0.41 -0.52
CA THR A 595 -12.06 0.26 0.75
C THR A 595 -10.91 1.19 1.09
N THR A 596 -9.71 0.60 1.28
CA THR A 596 -8.39 1.23 1.36
C THR A 596 -7.39 0.31 2.07
N ASN A 597 -7.65 -0.02 3.34
CA ASN A 597 -6.67 -0.81 4.09
C ASN A 597 -7.31 -1.84 5.02
N THR A 598 -8.62 -2.04 5.00
CA THR A 598 -9.30 -2.85 6.01
C THR A 598 -9.16 -4.34 5.75
N SER A 599 -8.31 -4.75 4.79
CA SER A 599 -8.16 -6.15 4.40
C SER A 599 -9.51 -6.75 4.02
N ASN A 600 -10.38 -5.90 3.47
CA ASN A 600 -11.73 -6.31 3.09
C ASN A 600 -11.63 -7.14 1.82
N ARG A 601 -11.85 -8.45 1.97
CA ARG A 601 -11.78 -9.38 0.80
C ARG A 601 -12.91 -9.01 -0.18
N VAL A 602 -12.59 -8.28 -1.24
CA VAL A 602 -13.62 -7.91 -2.26
C VAL A 602 -12.99 -8.00 -3.66
N ASN A 603 -13.56 -8.84 -4.53
CA ASN A 603 -13.06 -8.90 -5.92
C ASN A 603 -13.64 -7.72 -6.70
N ILE A 604 -12.89 -7.17 -7.66
CA ILE A 604 -13.46 -6.09 -8.51
C ILE A 604 -13.46 -6.57 -9.97
N SER A 605 -14.53 -7.25 -10.38
CA SER A 605 -14.65 -7.70 -11.78
C SER A 605 -15.13 -6.54 -12.64
N ILE A 606 -14.57 -6.38 -13.84
CA ILE A 606 -14.95 -5.26 -14.70
C ILE A 606 -14.99 -5.76 -16.13
N ASN A 607 -16.05 -5.37 -16.85
CA ASN A 607 -16.23 -5.81 -18.26
C ASN A 607 -16.86 -4.69 -19.10
N ASN A 608 -16.08 -4.12 -20.04
CA ASN A 608 -16.56 -3.00 -20.89
C ASN A 608 -17.08 -1.85 -20.03
N THR A 609 -16.47 -1.63 -18.85
CA THR A 609 -16.87 -0.48 -18.01
C THR A 609 -15.83 0.64 -18.16
N THR A 610 -16.29 1.85 -18.48
CA THR A 610 -15.34 3.00 -18.57
C THR A 610 -15.43 3.84 -17.29
N LEU A 611 -14.29 4.15 -16.68
CA LEU A 611 -14.24 4.92 -15.45
C LEU A 611 -13.56 6.25 -15.77
N ASN A 612 -14.38 7.22 -16.21
CA ASN A 612 -13.86 8.57 -16.53
C ASN A 612 -13.91 9.44 -15.28
N ALA A 613 -12.75 9.79 -14.73
CA ALA A 613 -12.66 10.65 -13.57
C ALA A 613 -12.36 12.10 -13.94
N SER A 614 -12.05 12.34 -15.22
CA SER A 614 -11.71 13.71 -15.68
C SER A 614 -10.55 14.25 -14.84
N ASN A 615 -10.85 15.02 -13.80
CA ASN A 615 -9.82 15.59 -12.94
C ASN A 615 -9.76 14.91 -11.58
N GLY A 616 -10.51 13.82 -11.40
CA GLY A 616 -10.54 13.10 -10.11
C GLY A 616 -9.48 12.01 -10.04
N ASN A 617 -9.53 11.18 -9.01
CA ASN A 617 -8.53 10.09 -8.84
C ASN A 617 -9.26 8.74 -8.76
N ILE A 618 -8.79 7.74 -9.52
CA ILE A 618 -9.45 6.41 -9.53
C ILE A 618 -8.65 5.43 -8.67
N GLN A 619 -9.22 4.98 -7.56
CA GLN A 619 -8.55 4.02 -6.69
C GLN A 619 -9.42 2.79 -6.54
N LEU A 620 -8.94 1.65 -7.03
CA LEU A 620 -9.62 0.38 -6.84
C LEU A 620 -8.77 -0.50 -5.92
N THR A 621 -9.40 -1.11 -4.94
CA THR A 621 -8.71 -1.97 -3.99
C THR A 621 -9.53 -3.23 -3.80
N GLY A 622 -8.87 -4.31 -3.41
CA GLY A 622 -9.59 -5.53 -3.10
C GLY A 622 -8.70 -6.74 -3.24
N THR A 623 -9.03 -7.79 -2.49
CA THR A 623 -8.23 -9.03 -2.52
C THR A 623 -9.11 -10.20 -2.97
N GLY A 624 -8.72 -10.88 -4.04
CA GLY A 624 -9.48 -12.05 -4.52
C GLY A 624 -8.58 -13.28 -4.61
N THR A 625 -8.91 -14.33 -3.86
CA THR A 625 -8.02 -15.53 -3.82
C THR A 625 -7.78 -16.03 -5.25
N ASP A 626 -8.82 -16.08 -6.07
CA ASP A 626 -8.68 -16.60 -7.46
C ASP A 626 -8.45 -15.43 -8.43
N SER A 627 -8.74 -14.21 -7.98
CA SER A 627 -8.58 -13.02 -8.85
C SER A 627 -8.86 -11.75 -8.05
N GLY A 628 -7.82 -11.04 -7.62
CA GLY A 628 -8.00 -9.80 -6.85
C GLY A 628 -8.82 -8.80 -7.65
N ILE A 629 -8.25 -8.29 -8.75
CA ILE A 629 -9.01 -7.39 -9.62
C ILE A 629 -8.83 -7.91 -11.04
N LEU A 630 -9.94 -8.16 -11.72
CA LEU A 630 -9.92 -8.72 -13.06
C LEU A 630 -10.49 -7.70 -14.03
N PHE A 631 -9.87 -7.56 -15.19
CA PHE A 631 -10.30 -6.63 -16.23
C PHE A 631 -10.54 -7.42 -17.51
N ALA A 632 -11.67 -7.16 -18.16
CA ALA A 632 -12.01 -7.87 -19.39
C ALA A 632 -12.68 -6.89 -20.35
N GLY A 633 -12.72 -7.29 -21.62
CA GLY A 633 -13.28 -6.45 -22.64
C GLY A 633 -12.44 -5.20 -22.88
N ASN A 634 -13.13 -4.16 -23.38
CA ASN A 634 -12.45 -2.87 -23.64
C ASN A 634 -12.79 -1.90 -22.51
N ASN A 635 -11.79 -1.56 -21.69
CA ASN A 635 -11.95 -0.65 -20.57
C ASN A 635 -11.15 0.63 -20.80
N ARG A 636 -11.71 1.74 -20.38
CA ARG A 636 -11.03 3.03 -20.44
C ARG A 636 -11.15 3.72 -19.10
N LEU A 637 -10.04 4.23 -18.61
CA LEU A 637 -9.98 4.84 -17.29
C LEU A 637 -9.16 6.11 -17.38
N THR A 638 -9.87 7.25 -17.47
CA THR A 638 -9.19 8.57 -17.56
C THR A 638 -9.27 9.23 -16.18
N ALA A 639 -8.12 9.65 -15.63
CA ALA A 639 -8.10 10.28 -14.29
C ALA A 639 -6.73 10.91 -14.02
N SER A 640 -6.67 11.84 -13.07
CA SER A 640 -5.36 12.45 -12.69
C SER A 640 -4.45 11.36 -12.13
N ASN A 641 -4.97 10.51 -11.25
CA ASN A 641 -4.18 9.39 -10.68
C ASN A 641 -5.02 8.12 -10.68
N ILE A 642 -4.51 7.04 -11.29
CA ILE A 642 -5.24 5.73 -11.27
C ILE A 642 -4.45 4.78 -10.37
N ALA A 643 -4.96 4.49 -9.17
CA ALA A 643 -4.23 3.64 -8.20
C ALA A 643 -4.94 2.30 -8.03
N LEU A 644 -4.40 1.24 -8.63
CA LEU A 644 -4.99 -0.09 -8.47
C LEU A 644 -4.21 -0.82 -7.39
N THR A 645 -4.92 -1.44 -6.45
CA THR A 645 -4.30 -2.24 -5.42
C THR A 645 -5.05 -3.56 -5.30
N GLY A 646 -4.32 -4.67 -5.36
CA GLY A 646 -4.97 -5.96 -5.32
C GLY A 646 -4.12 -6.98 -4.61
N ASN A 647 -4.79 -8.02 -4.13
CA ASN A 647 -4.13 -9.14 -3.46
C ASN A 647 -4.81 -10.44 -3.89
N SER A 648 -4.06 -11.54 -3.80
CA SER A 648 -4.60 -12.85 -4.11
C SER A 648 -3.79 -13.89 -3.36
N THR A 649 -4.31 -15.11 -3.34
CA THR A 649 -3.63 -16.25 -2.73
C THR A 649 -3.23 -17.30 -3.75
N SER A 650 -4.16 -17.70 -4.62
CA SER A 650 -3.88 -18.69 -5.65
C SER A 650 -3.97 -18.12 -7.06
N GLY A 651 -4.89 -17.21 -7.30
CA GLY A 651 -5.08 -16.60 -8.61
C GLY A 651 -4.22 -15.38 -8.80
N ASN A 652 -4.50 -14.64 -9.87
CA ASN A 652 -3.77 -13.42 -10.19
C ASN A 652 -4.32 -12.27 -9.38
N ALA A 653 -3.45 -11.58 -8.64
CA ALA A 653 -3.89 -10.44 -7.85
C ALA A 653 -4.41 -9.33 -8.74
N ILE A 654 -3.74 -9.09 -9.87
CA ILE A 654 -4.23 -8.20 -10.91
C ILE A 654 -4.19 -8.97 -12.21
N ASN A 655 -5.31 -8.98 -12.94
CA ASN A 655 -5.42 -9.75 -14.17
C ASN A 655 -6.17 -8.90 -15.19
N LEU A 656 -5.44 -8.30 -16.12
CA LEU A 656 -6.02 -7.52 -17.20
C LEU A 656 -6.06 -8.42 -18.45
N THR A 657 -7.27 -8.81 -18.86
CA THR A 657 -7.41 -9.77 -19.94
C THR A 657 -7.73 -9.13 -21.28
N GLY A 658 -8.67 -8.20 -21.34
CA GLY A 658 -8.99 -7.50 -22.56
C GLY A 658 -8.16 -6.25 -22.75
N THR A 659 -8.63 -5.38 -23.63
CA THR A 659 -7.99 -4.10 -23.88
C THR A 659 -8.24 -3.19 -22.67
N ALA A 660 -7.17 -2.62 -22.13
CA ALA A 660 -7.28 -1.73 -20.99
C ALA A 660 -6.50 -0.46 -21.27
N THR A 661 -7.22 0.64 -21.49
CA THR A 661 -6.60 1.93 -21.74
C THR A 661 -6.73 2.77 -20.48
N LEU A 662 -5.68 2.79 -19.66
CA LEU A 662 -5.66 3.55 -18.42
C LEU A 662 -4.93 4.86 -18.67
N ASN A 663 -5.59 5.79 -19.34
CA ASN A 663 -5.01 7.10 -19.64
C ASN A 663 -5.04 7.89 -18.34
N ALA A 664 -3.87 8.30 -17.86
CA ALA A 664 -3.77 9.10 -16.66
C ALA A 664 -2.89 10.32 -16.91
N THR A 665 -3.16 11.40 -16.19
CA THR A 665 -2.37 12.61 -16.37
C THR A 665 -1.15 12.62 -15.46
N ASN A 666 -1.34 12.21 -14.20
CA ASN A 666 -0.23 12.29 -13.22
C ASN A 666 0.36 10.91 -12.91
N ASN A 667 -0.34 10.08 -12.12
CA ASN A 667 0.33 8.82 -11.70
C ASN A 667 -0.53 7.55 -11.75
N ILE A 668 -0.03 6.49 -12.38
CA ILE A 668 -0.63 5.17 -12.36
C ILE A 668 0.17 4.31 -11.40
N THR A 669 -0.51 3.59 -10.52
CA THR A 669 0.16 2.72 -9.56
C THR A 669 -0.62 1.42 -9.44
N LEU A 670 0.02 0.32 -9.80
CA LEU A 670 -0.56 -1.01 -9.68
C LEU A 670 0.23 -1.78 -8.64
N THR A 671 -0.46 -2.40 -7.70
CA THR A 671 0.19 -3.12 -6.61
C THR A 671 -0.50 -4.46 -6.41
N GLY A 672 0.31 -5.50 -6.19
CA GLY A 672 -0.23 -6.83 -6.01
C GLY A 672 0.67 -7.68 -5.15
N SER A 673 0.11 -8.78 -4.66
CA SER A 673 0.85 -9.74 -3.86
C SER A 673 0.08 -11.05 -3.82
N SER A 674 0.72 -12.13 -4.29
CA SER A 674 0.09 -13.44 -4.34
C SER A 674 1.08 -14.49 -3.87
N THR A 675 0.60 -15.44 -3.06
CA THR A 675 1.47 -16.51 -2.59
C THR A 675 1.85 -17.45 -3.72
N SER A 676 0.86 -17.90 -4.50
CA SER A 676 1.11 -18.88 -5.54
C SER A 676 0.83 -18.35 -6.95
N GLY A 677 -0.16 -17.48 -7.12
CA GLY A 677 -0.46 -16.90 -8.40
C GLY A 677 0.41 -15.71 -8.72
N ASN A 678 -0.01 -14.97 -9.74
CA ASN A 678 0.74 -13.80 -10.17
C ASN A 678 0.18 -12.54 -9.51
N ALA A 679 1.08 -11.67 -9.06
CA ALA A 679 0.65 -10.41 -8.48
C ALA A 679 0.06 -9.50 -9.56
N ILE A 680 0.88 -9.16 -10.56
CA ILE A 680 0.44 -8.40 -11.72
C ILE A 680 0.63 -9.28 -12.94
N ASN A 681 -0.45 -9.55 -13.66
CA ASN A 681 -0.42 -10.49 -14.78
C ASN A 681 -1.23 -9.86 -15.92
N LEU A 682 -0.54 -9.08 -16.76
CA LEU A 682 -1.23 -8.36 -17.86
C LEU A 682 -1.01 -9.09 -19.19
N LYS A 683 -2.06 -9.65 -19.77
CA LYS A 683 -1.96 -10.33 -21.05
C LYS A 683 -2.76 -9.68 -22.16
N GLY A 684 -3.54 -8.65 -21.85
CA GLY A 684 -4.39 -8.00 -22.84
C GLY A 684 -3.65 -6.93 -23.62
N ASN A 685 -4.39 -6.35 -24.58
CA ASN A 685 -3.90 -5.23 -25.39
C ASN A 685 -4.07 -3.95 -24.58
N ASN A 686 -3.31 -3.85 -23.49
CA ASN A 686 -3.48 -2.80 -22.51
C ASN A 686 -2.54 -1.65 -22.79
N THR A 687 -3.07 -0.44 -22.79
CA THR A 687 -2.29 0.77 -22.99
C THR A 687 -2.35 1.58 -21.71
N LEU A 688 -1.18 2.02 -21.22
CA LEU A 688 -1.09 2.74 -19.95
C LEU A 688 -0.17 3.94 -20.15
N THR A 689 -0.77 5.10 -20.40
CA THR A 689 -0.02 6.33 -20.61
C THR A 689 -0.26 7.28 -19.44
N ALA A 690 0.83 7.67 -18.79
CA ALA A 690 0.76 8.61 -17.67
C ALA A 690 2.16 9.16 -17.43
N SER A 691 2.24 10.19 -16.60
CA SER A 691 3.54 10.76 -16.28
C SER A 691 4.42 9.76 -15.55
N ASN A 692 3.88 9.15 -14.49
CA ASN A 692 4.64 8.16 -13.69
C ASN A 692 3.81 6.90 -13.49
N ILE A 693 4.28 5.76 -14.01
CA ILE A 693 3.60 4.48 -13.86
C ILE A 693 4.52 3.56 -13.07
N THR A 694 3.99 3.00 -11.98
CA THR A 694 4.75 2.12 -11.12
C THR A 694 3.97 0.84 -10.87
N LEU A 695 4.58 -0.30 -11.21
CA LEU A 695 3.98 -1.61 -11.01
C LEU A 695 4.80 -2.34 -9.95
N THR A 696 4.22 -2.54 -8.78
CA THR A 696 4.88 -3.22 -7.68
C THR A 696 4.14 -4.50 -7.38
N GLY A 697 4.86 -5.61 -7.31
CA GLY A 697 4.23 -6.89 -7.03
C GLY A 697 5.18 -7.78 -6.26
N GLU A 698 4.60 -8.68 -5.48
CA GLU A 698 5.36 -9.68 -4.76
C GLU A 698 4.72 -11.05 -4.95
N SER A 699 5.54 -12.03 -5.30
CA SER A 699 5.05 -13.38 -5.54
C SER A 699 6.07 -14.38 -5.02
N THR A 700 5.57 -15.40 -4.34
CA THR A 700 6.42 -16.43 -3.76
C THR A 700 6.58 -17.62 -4.71
N SER A 701 5.51 -18.00 -5.41
CA SER A 701 5.54 -19.14 -6.30
C SER A 701 5.31 -18.79 -7.76
N GLY A 702 4.74 -17.63 -8.05
CA GLY A 702 4.45 -17.24 -9.42
C GLY A 702 5.26 -16.05 -9.89
N ASN A 703 4.62 -15.15 -10.64
CA ASN A 703 5.27 -13.97 -11.18
C ASN A 703 4.76 -12.71 -10.50
N ALA A 704 5.68 -11.82 -10.17
CA ALA A 704 5.28 -10.51 -9.68
C ALA A 704 4.67 -9.69 -10.81
N ILE A 705 5.37 -9.64 -11.95
CA ILE A 705 4.88 -8.78 -13.08
C ILE A 705 5.05 -9.55 -14.40
N ASN A 706 4.09 -10.41 -14.73
CA ASN A 706 4.14 -11.16 -16.01
C ASN A 706 3.22 -10.48 -17.02
N HIS A 707 3.77 -10.02 -18.16
CA HIS A 707 2.95 -9.38 -19.22
C HIS A 707 2.98 -10.27 -20.46
N THR A 708 3.26 -11.56 -20.28
CA THR A 708 3.39 -12.49 -21.43
C THR A 708 2.05 -12.69 -22.13
N ASP A 709 2.04 -12.69 -23.47
CA ASP A 709 0.80 -13.01 -24.23
C ASP A 709 1.17 -13.23 -25.70
N THR A 710 0.88 -14.42 -26.23
CA THR A 710 1.21 -14.76 -27.61
C THR A 710 0.59 -13.80 -28.61
N THR A 711 -0.43 -13.04 -28.22
CA THR A 711 -1.06 -12.05 -29.08
C THR A 711 -1.11 -10.66 -28.47
N GLY A 712 -1.33 -10.54 -27.16
CA GLY A 712 -1.47 -9.25 -26.54
C GLY A 712 -0.15 -8.52 -26.38
N THR A 713 -0.20 -7.21 -26.61
CA THR A 713 0.96 -6.34 -26.51
C THR A 713 0.70 -5.27 -25.47
N THR A 714 1.71 -5.00 -24.63
CA THR A 714 1.58 -4.00 -23.55
C THR A 714 2.32 -2.72 -23.95
N THR A 715 1.58 -1.61 -24.09
CA THR A 715 2.15 -0.32 -24.46
C THR A 715 2.15 0.59 -23.24
N LEU A 716 3.32 1.09 -22.88
CA LEU A 716 3.47 2.00 -21.76
C LEU A 716 4.11 3.29 -22.25
N ASN A 717 3.57 4.42 -21.80
CA ASN A 717 4.05 5.73 -22.22
C ASN A 717 4.18 6.60 -20.97
N ALA A 718 5.41 6.82 -20.55
CA ALA A 718 5.69 7.69 -19.41
C ALA A 718 6.35 8.96 -19.89
N THR A 719 5.73 10.10 -19.59
CA THR A 719 6.34 11.36 -19.92
C THR A 719 7.49 11.71 -18.98
N ASN A 720 7.52 11.13 -17.78
CA ASN A 720 8.56 11.45 -16.81
C ASN A 720 9.45 10.26 -16.47
N ASN A 721 8.87 9.16 -15.97
CA ASN A 721 9.67 7.97 -15.63
C ASN A 721 8.78 6.81 -15.19
N ILE A 722 9.36 5.61 -15.17
CA ILE A 722 8.67 4.38 -14.78
C ILE A 722 9.50 3.72 -13.68
N THR A 723 8.83 2.93 -12.84
CA THR A 723 9.51 2.09 -11.87
C THR A 723 8.71 0.81 -11.69
N MET A 724 9.36 -0.34 -11.88
CA MET A 724 8.72 -1.63 -11.65
C MET A 724 9.54 -2.42 -10.63
N GLN A 725 8.85 -3.00 -9.66
CA GLN A 725 9.49 -3.75 -8.60
C GLN A 725 8.78 -5.08 -8.42
N GLY A 726 9.53 -6.10 -8.05
CA GLY A 726 8.93 -7.41 -7.87
C GLY A 726 9.97 -8.46 -7.57
N THR A 727 9.46 -9.59 -7.06
CA THR A 727 10.33 -10.75 -6.84
C THR A 727 10.84 -11.30 -8.17
N ARG A 728 9.97 -11.39 -9.17
CA ARG A 728 10.38 -11.75 -10.52
C ARG A 728 9.58 -10.90 -11.50
N VAL A 729 10.28 -10.20 -12.38
CA VAL A 729 9.66 -9.28 -13.32
C VAL A 729 9.84 -9.88 -14.71
N GLN A 730 8.81 -10.59 -15.20
CA GLN A 730 8.90 -11.22 -16.54
C GLN A 730 8.16 -10.36 -17.56
N ILE A 731 8.77 -9.25 -18.01
CA ILE A 731 8.15 -8.38 -19.06
C ILE A 731 8.24 -9.11 -20.40
N LYS A 732 7.36 -8.78 -21.35
CA LYS A 732 7.36 -9.49 -22.66
C LYS A 732 6.49 -8.75 -23.68
N HIS A 733 6.88 -8.78 -24.96
CA HIS A 733 6.12 -8.16 -26.04
C HIS A 733 5.57 -6.80 -25.64
N SER A 734 6.49 -5.96 -25.16
CA SER A 734 6.09 -4.60 -24.70
C SER A 734 6.71 -3.52 -25.57
N ASN A 735 6.15 -2.32 -25.54
CA ASN A 735 6.64 -1.17 -26.28
C ASN A 735 6.54 0.01 -25.32
N ILE A 736 7.65 0.33 -24.68
CA ILE A 736 7.67 1.24 -23.54
C ILE A 736 8.47 2.49 -23.91
N THR A 737 7.82 3.64 -23.82
CA THR A 737 8.49 4.93 -23.92
C THR A 737 8.51 5.56 -22.54
N ALA A 738 9.70 5.87 -22.04
CA ALA A 738 9.85 6.32 -20.66
C ALA A 738 10.82 7.49 -20.61
N GLY A 739 10.73 8.25 -19.52
CA GLY A 739 11.74 9.25 -19.24
C GLY A 739 12.94 8.66 -18.55
N ASN A 740 12.73 8.04 -17.39
CA ASN A 740 13.79 7.34 -16.68
C ASN A 740 13.25 5.99 -16.21
N PHE A 741 13.34 4.99 -17.08
CA PHE A 741 12.87 3.65 -16.78
C PHE A 741 13.76 3.01 -15.72
N ALA A 742 13.16 2.17 -14.88
CA ALA A 742 13.93 1.44 -13.88
C ALA A 742 13.14 0.25 -13.38
N LEU A 743 13.67 -0.95 -13.63
CA LEU A 743 13.20 -2.17 -12.99
C LEU A 743 13.93 -2.35 -11.67
N ASN A 744 13.39 -3.23 -10.83
CA ASN A 744 14.13 -3.72 -9.67
C ASN A 744 13.52 -5.06 -9.25
N ALA A 745 14.21 -6.14 -9.60
CA ALA A 745 13.83 -7.47 -9.14
C ALA A 745 14.80 -7.91 -8.05
N THR A 746 14.25 -8.50 -6.98
CA THR A 746 15.07 -8.80 -5.81
C THR A 746 15.09 -10.26 -5.40
N VAL A 747 14.36 -11.15 -6.10
CA VAL A 747 14.30 -12.55 -5.74
C VAL A 747 14.71 -13.46 -6.90
N ALA A 748 13.96 -13.38 -8.01
CA ALA A 748 14.16 -14.33 -9.10
C ALA A 748 14.50 -13.62 -10.42
N GLY A 749 15.21 -12.50 -10.33
CA GLY A 749 15.65 -11.82 -11.53
C GLY A 749 14.48 -11.26 -12.34
N SER A 750 14.82 -10.86 -13.57
CA SER A 750 13.83 -10.31 -14.49
C SER A 750 14.10 -10.86 -15.87
N GLU A 751 13.19 -10.56 -16.80
CA GLU A 751 13.32 -11.00 -18.18
C GLU A 751 12.68 -9.98 -19.09
N ILE A 752 13.45 -9.48 -20.06
CA ILE A 752 12.96 -8.56 -21.07
C ILE A 752 13.03 -9.30 -22.41
N SER A 753 11.89 -9.57 -23.01
CA SER A 753 11.83 -10.35 -24.24
C SER A 753 10.85 -9.74 -25.22
N ASN A 754 11.31 -9.56 -26.47
CA ASN A 754 10.48 -9.05 -27.56
C ASN A 754 9.88 -7.69 -27.23
N THR A 755 10.62 -6.87 -26.50
CA THR A 755 10.20 -5.51 -26.20
C THR A 755 11.06 -4.53 -26.97
N THR A 756 10.56 -3.30 -27.10
CA THR A 756 11.33 -2.20 -27.64
C THR A 756 11.23 -1.05 -26.64
N LEU A 757 12.11 -1.07 -25.65
CA LEU A 757 12.06 -0.12 -24.53
C LEU A 757 12.92 1.08 -24.88
N THR A 758 12.28 2.20 -25.18
CA THR A 758 12.99 3.43 -25.50
C THR A 758 12.77 4.42 -24.36
N ALA A 759 13.85 5.00 -23.87
CA ALA A 759 13.78 6.00 -22.81
C ALA A 759 14.66 7.18 -23.15
N THR A 760 14.14 8.38 -22.87
CA THR A 760 14.89 9.59 -23.16
C THR A 760 16.17 9.67 -22.33
N ASN A 761 16.13 9.18 -21.10
CA ASN A 761 17.23 9.32 -20.16
C ASN A 761 17.55 7.97 -19.52
N ASN A 762 18.34 8.03 -18.44
CA ASN A 762 18.89 6.87 -17.75
C ASN A 762 17.88 5.73 -17.62
N ILE A 763 18.37 4.51 -17.79
CA ILE A 763 17.62 3.29 -17.57
C ILE A 763 18.41 2.46 -16.55
N ASN A 764 17.73 1.92 -15.55
CA ASN A 764 18.38 1.20 -14.46
C ASN A 764 17.69 -0.15 -14.30
N LEU A 765 18.20 -1.17 -14.99
CA LEU A 765 17.69 -2.54 -14.88
C LEU A 765 18.52 -3.27 -13.82
N ALA A 766 18.01 -3.33 -12.60
CA ALA A 766 18.65 -4.06 -11.53
C ALA A 766 17.84 -5.29 -11.19
N ALA A 767 18.51 -6.43 -11.06
CA ALA A 767 17.80 -7.68 -10.78
C ALA A 767 18.74 -8.66 -10.12
N LYS A 768 18.21 -9.43 -9.17
CA LYS A 768 18.95 -10.50 -8.51
C LYS A 768 18.11 -11.76 -8.54
N THR A 769 18.73 -12.89 -8.84
CA THR A 769 18.05 -14.17 -8.92
C THR A 769 18.68 -15.16 -7.97
N ASN A 770 17.85 -15.87 -7.21
CA ASN A 770 18.30 -16.93 -6.32
C ASN A 770 18.04 -18.31 -6.90
N SER A 771 17.65 -18.39 -8.16
CA SER A 771 17.32 -19.65 -8.80
C SER A 771 18.23 -19.83 -10.01
N ALA A 772 18.11 -20.97 -10.69
CA ALA A 772 18.93 -21.24 -11.86
C ALA A 772 18.59 -20.31 -13.02
N SER A 773 17.43 -19.65 -12.96
CA SER A 773 17.06 -18.70 -13.99
C SER A 773 18.04 -17.54 -14.04
N SER A 774 18.30 -17.05 -15.25
CA SER A 774 19.24 -15.96 -15.44
C SER A 774 18.71 -14.66 -14.85
N GLY A 775 19.62 -13.84 -14.35
CA GLY A 775 19.22 -12.62 -13.67
C GLY A 775 18.59 -11.59 -14.59
N VAL A 776 19.37 -11.02 -15.49
CA VAL A 776 18.87 -10.03 -16.45
C VAL A 776 18.90 -10.72 -17.81
N TYR A 777 17.78 -11.33 -18.19
CA TYR A 777 17.68 -12.15 -19.38
C TYR A 777 16.99 -11.35 -20.48
N LEU A 778 17.77 -10.88 -21.45
CA LEU A 778 17.26 -10.05 -22.54
C LEU A 778 17.32 -10.86 -23.83
N LYS A 779 16.22 -10.88 -24.57
CA LYS A 779 16.12 -11.65 -25.81
C LYS A 779 15.18 -10.93 -26.76
N ASP A 780 15.72 -10.49 -27.90
CA ASP A 780 14.97 -9.75 -28.91
C ASP A 780 14.46 -8.42 -28.36
N ALA A 781 15.28 -7.76 -27.56
CA ALA A 781 14.94 -6.48 -26.98
C ALA A 781 15.79 -5.37 -27.57
N ARG A 782 15.13 -4.30 -28.02
CA ARG A 782 15.80 -3.10 -28.52
C ARG A 782 15.61 -1.99 -27.49
N ILE A 783 16.63 -1.75 -26.69
CA ILE A 783 16.57 -0.80 -25.59
C ILE A 783 17.45 0.39 -25.95
N THR A 784 16.84 1.57 -26.05
CA THR A 784 17.55 2.76 -26.50
C THR A 784 17.46 3.85 -25.43
N SER A 785 18.51 4.65 -25.33
CA SER A 785 18.53 5.85 -24.50
C SER A 785 19.00 7.02 -25.36
N THR A 786 18.07 7.90 -25.72
CA THR A 786 18.38 9.00 -26.62
C THR A 786 19.42 9.93 -26.01
N ASN A 787 19.32 10.20 -24.71
CA ASN A 787 20.18 11.16 -24.06
C ASN A 787 20.85 10.65 -22.79
N GLY A 788 20.54 9.44 -22.35
CA GLY A 788 21.02 8.94 -21.08
C GLY A 788 21.88 7.70 -21.23
N SER A 789 21.91 6.91 -20.17
CA SER A 789 22.75 5.72 -20.10
C SER A 789 21.95 4.53 -19.59
N ILE A 790 22.29 3.35 -20.09
CA ILE A 790 21.71 2.10 -19.64
C ILE A 790 22.66 1.53 -18.60
N THR A 791 22.18 1.30 -17.39
CA THR A 791 22.95 0.65 -16.34
C THR A 791 22.19 -0.58 -15.88
N ALA A 792 22.75 -1.75 -16.17
CA ALA A 792 22.15 -3.02 -15.77
C ALA A 792 23.03 -3.64 -14.69
N ASN A 793 22.38 -4.29 -13.72
CA ASN A 793 23.07 -4.81 -12.54
C ASN A 793 22.43 -6.15 -12.21
N GLY A 794 23.03 -7.23 -12.71
CA GLY A 794 22.53 -8.57 -12.50
C GLY A 794 23.35 -9.32 -11.46
N THR A 795 22.70 -10.23 -10.76
CA THR A 795 23.35 -11.03 -9.72
C THR A 795 22.67 -12.39 -9.64
N ALA A 796 23.45 -13.45 -9.81
CA ALA A 796 22.94 -14.82 -9.77
C ALA A 796 23.66 -15.60 -8.69
N THR A 797 22.93 -16.02 -7.66
CA THR A 797 23.49 -16.82 -6.58
C THR A 797 23.44 -18.31 -6.86
N ALA A 798 22.82 -18.73 -7.96
CA ALA A 798 22.69 -20.14 -8.29
C ALA A 798 23.45 -20.44 -9.56
N ASN A 799 23.26 -21.62 -10.15
CA ASN A 799 24.04 -22.05 -11.31
C ASN A 799 23.57 -21.35 -12.58
N GLY A 800 22.78 -20.29 -12.44
CA GLY A 800 22.37 -19.49 -13.59
C GLY A 800 23.40 -18.44 -13.96
N LYS A 801 23.00 -17.60 -14.92
CA LYS A 801 23.90 -16.53 -15.41
C LYS A 801 23.47 -15.21 -14.79
N ALA A 802 24.42 -14.42 -14.30
CA ALA A 802 24.12 -13.15 -13.64
C ALA A 802 23.46 -12.17 -14.60
N THR A 803 24.00 -12.04 -15.80
CA THR A 803 23.37 -11.25 -16.85
C THR A 803 23.53 -12.00 -18.16
N HIS A 804 22.41 -12.27 -18.82
CA HIS A 804 22.42 -13.09 -20.03
C HIS A 804 21.79 -12.27 -21.14
N LEU A 805 22.57 -11.99 -22.18
CA LEU A 805 22.09 -11.33 -23.39
C LEU A 805 21.92 -12.38 -24.46
N ASP A 806 20.81 -12.34 -25.17
CA ASP A 806 20.49 -13.38 -26.13
C ASP A 806 19.67 -12.77 -27.26
N GLY A 807 19.78 -13.36 -28.44
CA GLY A 807 19.00 -12.91 -29.58
C GLY A 807 19.42 -11.52 -30.02
N ASN A 808 18.66 -10.98 -30.98
CA ASN A 808 18.96 -9.69 -31.59
C ASN A 808 18.64 -8.60 -30.57
N VAL A 809 19.62 -8.26 -29.75
CA VAL A 809 19.50 -7.18 -28.78
C VAL A 809 20.37 -6.02 -29.23
N THR A 810 19.80 -4.83 -29.27
CA THR A 810 20.54 -3.62 -29.57
C THR A 810 20.35 -2.62 -28.45
N LEU A 811 21.44 -2.03 -27.98
CA LEU A 811 21.42 -1.03 -26.93
C LEU A 811 22.09 0.23 -27.46
N ASN A 812 21.39 1.36 -27.36
CA ASN A 812 21.91 2.63 -27.82
C ASN A 812 22.01 3.60 -26.65
N ALA A 813 23.21 4.14 -26.44
CA ALA A 813 23.48 5.14 -25.41
C ALA A 813 24.30 6.26 -26.03
N SER A 814 23.81 6.79 -27.14
CA SER A 814 24.63 7.61 -28.03
C SER A 814 25.28 8.78 -27.30
N ASN A 815 24.64 9.31 -26.27
CA ASN A 815 25.20 10.43 -25.52
C ASN A 815 25.55 10.05 -24.08
N GLY A 816 25.50 8.76 -23.74
CA GLY A 816 25.68 8.33 -22.37
C GLY A 816 26.62 7.15 -22.26
N ARG A 817 26.28 6.22 -21.36
CA ARG A 817 27.12 5.08 -21.03
C ARG A 817 26.32 3.80 -21.12
N ILE A 818 27.03 2.67 -21.06
CA ILE A 818 26.43 1.37 -20.85
C ILE A 818 27.24 0.67 -19.78
N LYS A 819 26.57 0.18 -18.74
CA LYS A 819 27.25 -0.50 -17.64
C LYS A 819 26.47 -1.75 -17.29
N LEU A 820 26.90 -2.89 -17.85
CA LEU A 820 26.29 -4.18 -17.57
C LEU A 820 27.11 -4.89 -16.51
N THR A 821 26.61 -4.92 -15.29
CA THR A 821 27.31 -5.50 -14.15
C THR A 821 26.69 -6.84 -13.80
N GLY A 822 27.52 -7.88 -13.80
CA GLY A 822 27.03 -9.22 -13.47
C GLY A 822 27.87 -9.90 -12.42
N ASN A 823 27.27 -10.19 -11.28
CA ASN A 823 27.96 -10.78 -10.14
C ASN A 823 27.48 -12.22 -9.99
N GLY A 824 28.28 -13.17 -10.49
CA GLY A 824 28.01 -14.57 -10.29
C GLY A 824 28.32 -15.01 -8.87
N HIS A 825 27.91 -16.23 -8.56
CA HIS A 825 28.19 -16.84 -7.26
C HIS A 825 28.32 -18.33 -7.43
N GLY A 826 29.35 -18.89 -6.81
CA GLY A 826 29.58 -20.32 -6.93
C GLY A 826 29.86 -20.71 -8.37
N SER A 827 29.03 -21.60 -8.91
CA SER A 827 29.18 -22.05 -10.28
C SER A 827 28.58 -21.06 -11.28
N ALA A 828 27.97 -19.98 -10.82
CA ALA A 828 27.32 -19.04 -11.72
C ALA A 828 28.34 -18.38 -12.65
N SER A 829 27.93 -18.24 -13.91
CA SER A 829 28.77 -17.45 -14.83
C SER A 829 28.41 -16.00 -14.52
N GLY A 830 29.12 -15.05 -15.10
CA GLY A 830 28.91 -13.64 -14.84
C GLY A 830 27.98 -13.05 -15.87
N ILE A 831 28.54 -12.28 -16.81
CA ILE A 831 27.71 -11.74 -17.93
C ILE A 831 27.81 -12.71 -19.11
N LEU A 832 26.72 -12.91 -19.85
CA LEU A 832 26.72 -13.89 -20.97
C LEU A 832 26.23 -13.23 -22.25
N PHE A 833 26.78 -13.64 -23.40
CA PHE A 833 26.37 -13.06 -24.71
C PHE A 833 26.14 -14.17 -25.73
N ALA A 834 24.88 -14.37 -26.16
CA ALA A 834 24.58 -15.34 -27.19
C ALA A 834 23.82 -14.66 -28.33
N GLY A 835 23.84 -15.31 -29.49
CA GLY A 835 23.20 -14.72 -30.65
C GLY A 835 23.95 -13.50 -31.13
N ASN A 836 23.22 -12.47 -31.53
CA ASN A 836 23.81 -11.24 -32.07
C ASN A 836 23.44 -10.09 -31.16
N ASN A 837 24.43 -9.46 -30.53
CA ASN A 837 24.21 -8.37 -29.60
C ASN A 837 24.95 -7.14 -30.11
N ARG A 838 24.20 -6.14 -30.56
CA ARG A 838 24.77 -4.95 -31.16
C ARG A 838 24.64 -3.79 -30.18
N LEU A 839 25.63 -3.65 -29.30
CA LEU A 839 25.63 -2.62 -28.27
C LEU A 839 26.35 -1.39 -28.80
N THR A 840 25.63 -0.30 -28.96
CA THR A 840 26.19 0.95 -29.47
C THR A 840 26.10 1.99 -28.37
N ALA A 841 27.21 2.69 -28.11
CA ALA A 841 27.21 3.66 -27.02
C ALA A 841 28.39 4.60 -27.19
N SER A 842 28.36 5.70 -26.43
CA SER A 842 29.52 6.58 -26.35
C SER A 842 30.50 6.08 -25.30
N ASN A 843 30.09 5.12 -24.49
CA ASN A 843 30.96 4.50 -23.49
C ASN A 843 30.36 3.18 -23.05
N ILE A 844 31.06 2.08 -23.30
CA ILE A 844 30.61 0.75 -22.92
C ILE A 844 31.51 0.24 -21.81
N ALA A 845 30.90 -0.24 -20.73
CA ALA A 845 31.62 -0.85 -19.63
C ALA A 845 30.91 -2.12 -19.21
N LEU A 846 31.62 -3.23 -19.24
CA LEU A 846 31.08 -4.53 -18.85
C LEU A 846 31.88 -5.04 -17.66
N THR A 847 31.20 -5.26 -16.54
CA THR A 847 31.84 -5.69 -15.31
C THR A 847 31.27 -7.04 -14.89
N GLY A 848 32.14 -7.96 -14.52
CA GLY A 848 31.70 -9.28 -14.11
C GLY A 848 32.55 -9.80 -12.98
N ASN A 849 31.94 -10.65 -12.17
CA ASN A 849 32.61 -11.24 -11.02
C ASN A 849 32.01 -12.61 -10.75
N SER A 850 32.87 -13.63 -10.68
CA SER A 850 32.43 -14.99 -10.49
C SER A 850 33.56 -15.79 -9.84
N THR A 851 33.25 -17.01 -9.43
CA THR A 851 34.21 -17.86 -8.75
C THR A 851 34.64 -19.06 -9.60
N SER A 852 33.70 -19.90 -10.01
CA SER A 852 34.03 -21.07 -10.82
C SER A 852 33.65 -20.88 -12.28
N GLY A 853 32.54 -20.18 -12.54
CA GLY A 853 32.15 -19.88 -13.93
C GLY A 853 32.97 -18.72 -14.48
N ASN A 854 32.53 -18.14 -15.61
CA ASN A 854 33.28 -17.01 -16.24
C ASN A 854 32.76 -15.68 -15.69
N ALA A 855 33.66 -14.78 -15.29
CA ALA A 855 33.22 -13.44 -14.83
C ALA A 855 32.61 -12.69 -16.02
N ILE A 856 33.24 -12.78 -17.19
CA ILE A 856 32.70 -12.13 -18.42
C ILE A 856 32.87 -13.10 -19.60
N ASN A 857 31.82 -13.29 -20.40
CA ASN A 857 31.90 -14.19 -21.58
C ASN A 857 31.01 -13.66 -22.69
N LEU A 858 31.52 -13.63 -23.93
CA LEU A 858 30.70 -13.19 -25.10
C LEU A 858 30.72 -14.32 -26.13
N THR A 859 30.24 -15.51 -25.76
CA THR A 859 30.28 -16.68 -26.66
C THR A 859 29.65 -16.33 -28.02
N GLY A 860 28.51 -15.64 -28.03
CA GLY A 860 27.81 -15.35 -29.29
C GLY A 860 28.38 -14.12 -29.98
N THR A 861 27.98 -13.87 -31.23
CA THR A 861 28.45 -12.68 -31.98
C THR A 861 28.05 -11.41 -31.21
N ALA A 862 28.99 -10.48 -31.05
CA ALA A 862 28.71 -9.24 -30.34
C ALA A 862 29.40 -8.10 -31.07
N THR A 863 28.68 -7.01 -31.25
CA THR A 863 29.21 -5.84 -31.93
C THR A 863 29.09 -4.65 -31.00
N LEU A 864 30.20 -3.96 -30.78
CA LEU A 864 30.27 -2.85 -29.84
C LEU A 864 30.98 -1.69 -30.51
N ASN A 865 30.30 -0.55 -30.59
CA ASN A 865 30.83 0.65 -31.24
C ASN A 865 30.84 1.77 -30.23
N ALA A 866 32.04 2.15 -29.78
CA ALA A 866 32.19 3.19 -28.77
C ALA A 866 32.79 4.45 -29.39
N THR A 867 32.06 5.56 -29.29
CA THR A 867 32.61 6.84 -29.69
C THR A 867 33.75 7.28 -28.78
N ASN A 868 33.79 6.84 -27.54
CA ASN A 868 34.92 7.18 -26.67
C ASN A 868 35.75 5.98 -26.28
N ASP A 869 35.17 4.97 -25.63
CA ASP A 869 35.96 3.83 -25.17
C ASP A 869 35.09 2.67 -24.71
N ILE A 870 35.74 1.51 -24.57
CA ILE A 870 35.14 0.28 -24.09
C ILE A 870 36.00 -0.26 -22.96
N THR A 871 35.36 -0.71 -21.88
CA THR A 871 36.07 -1.27 -20.74
C THR A 871 35.40 -2.56 -20.30
N LEU A 872 36.18 -3.63 -20.16
CA LEU A 872 35.68 -4.90 -19.65
C LEU A 872 36.51 -5.29 -18.44
N THR A 873 35.85 -5.69 -17.36
CA THR A 873 36.53 -6.04 -16.12
C THR A 873 35.94 -7.32 -15.56
N GLY A 874 36.81 -8.21 -15.10
CA GLY A 874 36.37 -9.47 -14.55
C GLY A 874 37.30 -9.95 -13.47
N SER A 875 36.79 -10.85 -12.64
CA SER A 875 37.53 -11.43 -11.54
C SER A 875 37.00 -12.83 -11.28
N SER A 876 37.73 -13.84 -11.72
CA SER A 876 37.28 -15.23 -11.64
C SER A 876 38.24 -16.03 -10.79
N THR A 877 37.71 -16.74 -9.80
CA THR A 877 38.56 -17.55 -8.93
C THR A 877 39.18 -18.73 -9.67
N SER A 878 38.34 -19.51 -10.36
CA SER A 878 38.81 -20.71 -11.04
C SER A 878 38.51 -20.73 -12.54
N GLY A 879 37.42 -20.11 -12.98
CA GLY A 879 37.08 -20.02 -14.37
C GLY A 879 37.93 -18.99 -15.10
N ASN A 880 37.40 -18.56 -16.25
CA ASN A 880 38.12 -17.54 -17.07
C ASN A 880 37.46 -16.19 -16.82
N ALA A 881 38.25 -15.15 -16.55
CA ALA A 881 37.71 -13.84 -16.23
C ALA A 881 37.01 -13.22 -17.44
N ILE A 882 37.75 -13.02 -18.53
CA ILE A 882 37.20 -12.52 -19.79
C ILE A 882 37.44 -13.60 -20.84
N ASN A 883 36.33 -14.11 -21.39
CA ASN A 883 36.41 -15.21 -22.38
C ASN A 883 35.63 -14.80 -23.63
N LEU A 884 36.31 -14.73 -24.78
CA LEU A 884 35.67 -14.35 -26.04
C LEU A 884 35.74 -15.53 -26.99
N THR A 885 34.75 -16.43 -26.89
CA THR A 885 34.72 -17.63 -27.77
C THR A 885 33.70 -17.40 -28.89
N GLY A 886 33.72 -16.22 -29.51
CA GLY A 886 32.79 -15.92 -30.61
C GLY A 886 33.18 -14.68 -31.38
N THR A 887 32.55 -14.46 -32.55
CA THR A 887 32.86 -13.28 -33.39
C THR A 887 32.57 -12.01 -32.61
N ALA A 888 33.61 -11.36 -32.06
CA ALA A 888 33.42 -10.12 -31.33
C ALA A 888 34.11 -9.01 -32.12
N THR A 889 33.39 -7.92 -32.33
CA THR A 889 33.90 -6.80 -33.12
C THR A 889 33.76 -5.55 -32.25
N LEU A 890 34.78 -5.30 -31.44
CA LEU A 890 34.78 -4.18 -30.51
C LEU A 890 35.44 -2.99 -31.19
N ASN A 891 34.66 -2.22 -31.95
CA ASN A 891 35.15 -1.00 -32.58
C ASN A 891 35.03 0.12 -31.57
N ALA A 892 36.02 0.99 -31.52
CA ALA A 892 36.02 2.14 -30.63
C ALA A 892 36.91 3.23 -31.21
N THR A 893 36.70 4.46 -30.74
CA THR A 893 37.47 5.58 -31.29
C THR A 893 38.73 5.82 -30.49
N ASN A 894 38.61 6.08 -29.19
CA ASN A 894 39.72 6.63 -28.42
C ASN A 894 40.42 5.50 -27.68
N ASN A 895 39.72 4.62 -26.99
CA ASN A 895 40.35 3.67 -26.10
C ASN A 895 39.59 2.35 -26.05
N ILE A 896 40.32 1.28 -25.74
CA ILE A 896 39.76 -0.02 -25.36
C ILE A 896 40.67 -0.60 -24.30
N THR A 897 40.10 -1.01 -23.17
CA THR A 897 40.85 -1.64 -22.10
C THR A 897 40.13 -2.87 -21.60
N LEU A 898 40.84 -3.99 -21.54
CA LEU A 898 40.32 -5.24 -20.99
C LEU A 898 41.18 -5.61 -19.79
N THR A 899 40.59 -5.58 -18.60
CA THR A 899 41.31 -5.94 -17.39
C THR A 899 40.65 -7.16 -16.78
N GLY A 900 41.48 -8.10 -16.34
CA GLY A 900 40.97 -9.32 -15.72
C GLY A 900 41.93 -9.78 -14.66
N SER A 901 41.52 -10.82 -13.95
CA SER A 901 42.33 -11.39 -12.89
C SER A 901 41.75 -12.75 -12.51
N SER A 902 42.63 -13.73 -12.32
CA SER A 902 42.20 -15.08 -12.03
C SER A 902 43.25 -15.75 -11.16
N THR A 903 42.84 -16.88 -10.55
CA THR A 903 43.72 -17.67 -9.71
C THR A 903 44.09 -19.00 -10.36
N SER A 904 43.10 -19.77 -10.78
CA SER A 904 43.36 -21.05 -11.45
C SER A 904 43.20 -20.98 -12.96
N GLY A 905 42.17 -20.29 -13.45
CA GLY A 905 41.90 -20.21 -14.87
C GLY A 905 42.62 -19.05 -15.53
N ASN A 906 42.16 -18.76 -16.75
CA ASN A 906 42.81 -17.69 -17.55
C ASN A 906 42.13 -16.34 -17.28
N ALA A 907 42.91 -15.25 -17.31
CA ALA A 907 42.36 -13.92 -17.13
C ALA A 907 41.66 -13.44 -18.40
N ILE A 908 42.39 -13.35 -19.49
CA ILE A 908 41.82 -13.00 -20.79
C ILE A 908 42.06 -14.17 -21.72
N ASN A 909 40.99 -14.69 -22.33
CA ASN A 909 41.14 -15.86 -23.23
C ASN A 909 40.33 -15.64 -24.51
N LEU A 910 40.91 -14.95 -25.50
CA LEU A 910 40.22 -14.75 -26.79
C LEU A 910 40.35 -16.04 -27.61
N LYS A 911 39.23 -16.59 -28.09
CA LYS A 911 39.27 -17.88 -28.82
C LYS A 911 38.72 -17.71 -30.23
N GLY A 912 37.51 -17.14 -30.35
CA GLY A 912 36.90 -17.02 -31.66
C GLY A 912 37.56 -15.97 -32.53
N ASN A 913 36.94 -15.71 -33.68
CA ASN A 913 37.45 -14.71 -34.62
C ASN A 913 37.06 -13.33 -34.10
N ASN A 914 38.02 -12.66 -33.45
CA ASN A 914 37.77 -11.40 -32.77
C ASN A 914 38.56 -10.30 -33.47
N THR A 915 37.93 -9.13 -33.62
CA THR A 915 38.61 -7.93 -34.10
C THR A 915 38.37 -6.82 -33.10
N LEU A 916 39.43 -6.18 -32.64
CA LEU A 916 39.35 -5.11 -31.65
C LEU A 916 39.98 -3.85 -32.24
N THR A 917 39.13 -3.00 -32.85
CA THR A 917 39.59 -1.79 -33.51
C THR A 917 39.46 -0.61 -32.58
N ALA A 918 40.51 0.19 -32.47
CA ALA A 918 40.49 1.40 -31.67
C ALA A 918 41.74 2.20 -31.97
N SER A 919 41.87 3.34 -31.30
CA SER A 919 43.14 4.06 -31.31
C SER A 919 44.08 3.53 -30.23
N ASN A 920 43.52 3.08 -29.11
CA ASN A 920 44.31 2.66 -27.97
C ASN A 920 43.73 1.37 -27.41
N ILE A 921 44.57 0.35 -27.30
CA ILE A 921 44.18 -0.94 -26.74
C ILE A 921 45.11 -1.25 -25.57
N THR A 922 44.52 -1.62 -24.44
CA THR A 922 45.28 -1.88 -23.22
C THR A 922 44.71 -3.12 -22.55
N LEU A 923 45.38 -4.25 -22.72
CA LEU A 923 44.98 -5.50 -22.11
C LEU A 923 45.80 -5.71 -20.85
N THR A 924 45.19 -6.31 -19.84
CA THR A 924 45.91 -6.66 -18.62
C THR A 924 45.17 -7.76 -17.88
N GLY A 925 45.93 -8.60 -17.19
CA GLY A 925 45.35 -9.69 -16.43
C GLY A 925 46.40 -10.33 -15.57
N GLU A 926 45.93 -11.06 -14.55
CA GLU A 926 46.82 -11.76 -13.63
C GLU A 926 46.27 -13.14 -13.34
N SER A 927 47.16 -14.13 -13.38
CA SER A 927 46.81 -15.52 -13.12
C SER A 927 47.88 -16.14 -12.24
N THR A 928 47.45 -16.85 -11.20
CA THR A 928 48.40 -17.48 -10.29
C THR A 928 49.06 -18.70 -10.94
N SER A 929 48.27 -19.54 -11.60
CA SER A 929 48.77 -20.79 -12.17
C SER A 929 48.48 -20.95 -13.66
N GLY A 930 47.61 -20.14 -14.24
CA GLY A 930 47.29 -20.29 -15.64
C GLY A 930 47.95 -19.26 -16.52
N ASN A 931 47.21 -18.80 -17.53
CA ASN A 931 47.75 -17.78 -18.48
C ASN A 931 46.88 -16.53 -18.40
N ALA A 932 47.48 -15.37 -18.13
CA ALA A 932 46.74 -14.13 -17.98
C ALA A 932 46.16 -13.65 -19.30
N ILE A 933 47.02 -13.33 -20.27
CA ILE A 933 46.59 -12.87 -21.58
C ILE A 933 46.85 -14.00 -22.57
N ASN A 934 45.77 -14.71 -22.92
CA ASN A 934 45.87 -15.90 -23.79
C ASN A 934 44.99 -15.65 -25.03
N LEU A 935 45.61 -15.52 -26.20
CA LEU A 935 44.90 -15.28 -27.46
C LEU A 935 45.24 -16.40 -28.42
N THR A 936 44.52 -17.52 -28.29
CA THR A 936 44.90 -18.69 -29.14
C THR A 936 43.75 -19.63 -29.47
N ASP A 937 43.72 -20.10 -30.72
CA ASP A 937 42.79 -21.11 -31.21
C ASP A 937 43.39 -21.70 -32.47
N THR A 938 43.26 -23.02 -32.63
CA THR A 938 43.73 -23.69 -33.83
C THR A 938 42.97 -23.25 -35.08
N THR A 939 41.83 -22.57 -34.92
CA THR A 939 41.06 -22.01 -36.02
C THR A 939 40.88 -20.51 -35.90
N GLY A 940 40.63 -20.01 -34.68
CA GLY A 940 40.32 -18.60 -34.49
C GLY A 940 41.51 -17.69 -34.78
N THR A 941 41.19 -16.53 -35.34
CA THR A 941 42.17 -15.52 -35.70
C THR A 941 41.84 -14.20 -35.02
N THR A 942 42.75 -13.72 -34.20
CA THR A 942 42.56 -12.49 -33.45
C THR A 942 43.23 -11.33 -34.16
N THR A 943 42.45 -10.31 -34.51
CA THR A 943 42.96 -9.13 -35.20
C THR A 943 42.83 -7.93 -34.30
N LEU A 944 43.93 -7.23 -34.09
CA LEU A 944 43.95 -6.01 -33.29
C LEU A 944 44.43 -4.85 -34.16
N ASN A 945 43.62 -3.79 -34.22
CA ASN A 945 43.92 -2.66 -35.09
C ASN A 945 43.93 -1.41 -34.22
N ALA A 946 45.12 -0.91 -33.92
CA ALA A 946 45.28 0.26 -33.07
C ALA A 946 46.16 1.30 -33.75
N THR A 947 45.61 2.50 -33.93
CA THR A 947 46.40 3.60 -34.47
C THR A 947 47.54 3.98 -33.53
N ASN A 948 47.27 4.00 -32.22
CA ASN A 948 48.24 4.39 -31.22
C ASN A 948 48.61 3.18 -30.35
N ASN A 949 49.34 3.44 -29.27
CA ASN A 949 49.99 2.40 -28.47
C ASN A 949 49.07 1.24 -28.15
N ILE A 950 49.65 0.05 -28.11
CA ILE A 950 49.02 -1.15 -27.57
C ILE A 950 49.83 -1.59 -26.36
N THR A 951 49.16 -1.96 -25.28
CA THR A 951 49.82 -2.43 -24.08
C THR A 951 49.21 -3.74 -23.63
N MET A 952 50.05 -4.74 -23.38
CA MET A 952 49.63 -6.01 -22.82
C MET A 952 50.49 -6.28 -21.60
N GLN A 953 49.87 -6.48 -20.44
CA GLN A 953 50.60 -6.72 -19.21
C GLN A 953 49.97 -7.90 -18.47
N GLY A 954 50.81 -8.79 -17.97
CA GLY A 954 50.31 -9.95 -17.25
C GLY A 954 51.46 -10.83 -16.82
N THR A 955 51.08 -11.98 -16.27
CA THR A 955 52.10 -12.95 -15.87
C THR A 955 52.50 -13.85 -17.03
N ARG A 956 51.53 -14.25 -17.86
CA ARG A 956 51.82 -15.05 -19.03
C ARG A 956 51.05 -14.47 -20.21
N VAL A 957 51.75 -14.27 -21.32
CA VAL A 957 51.15 -13.72 -22.53
C VAL A 957 51.39 -14.71 -23.66
N GLN A 958 50.33 -15.33 -24.14
CA GLN A 958 50.40 -16.30 -25.22
C GLN A 958 49.54 -15.79 -26.37
N ILE A 959 50.18 -15.37 -27.46
CA ILE A 959 49.49 -14.81 -28.61
C ILE A 959 49.71 -15.77 -29.78
N LYS A 960 48.63 -16.29 -30.33
CA LYS A 960 48.71 -17.27 -31.41
C LYS A 960 47.69 -16.93 -32.48
N HIS A 961 48.05 -17.22 -33.73
CA HIS A 961 47.16 -17.07 -34.88
C HIS A 961 46.57 -15.66 -34.96
N SER A 962 47.38 -14.68 -34.52
CA SER A 962 46.91 -13.31 -34.42
C SER A 962 47.51 -12.50 -35.56
N ASN A 963 46.87 -11.36 -35.84
CA ASN A 963 47.31 -10.44 -36.89
C ASN A 963 47.09 -9.04 -36.35
N ILE A 964 48.14 -8.46 -35.76
CA ILE A 964 48.04 -7.21 -35.00
C ILE A 964 48.66 -6.10 -35.83
N THR A 965 47.98 -4.96 -35.87
CA THR A 965 48.52 -3.73 -36.45
C THR A 965 48.58 -2.69 -35.34
N ALA A 966 49.65 -1.91 -35.29
CA ALA A 966 49.84 -0.99 -34.17
C ALA A 966 50.65 0.21 -34.60
N GLY A 967 50.48 1.30 -33.86
CA GLY A 967 51.38 2.44 -33.96
C GLY A 967 52.60 2.21 -33.08
N ASN A 968 52.35 1.95 -31.80
CA ASN A 968 53.35 1.44 -30.89
C ASN A 968 52.86 0.13 -30.28
N PHE A 969 53.76 -0.59 -29.64
CA PHE A 969 53.43 -1.90 -29.09
C PHE A 969 54.25 -2.14 -27.83
N ALA A 970 53.67 -2.85 -26.87
CA ALA A 970 54.38 -3.15 -25.64
C ALA A 970 53.74 -4.34 -24.94
N LEU A 971 54.49 -5.43 -24.86
CA LEU A 971 54.19 -6.53 -23.96
C LEU A 971 54.89 -6.29 -22.64
N ASN A 972 54.41 -6.97 -21.60
CA ASN A 972 55.11 -6.98 -20.31
C ASN A 972 54.69 -8.24 -19.57
N ALA A 973 55.55 -9.25 -19.57
CA ALA A 973 55.34 -10.45 -18.79
C ALA A 973 56.27 -10.43 -17.58
N THR A 974 55.69 -10.63 -16.40
CA THR A 974 56.44 -10.44 -15.16
C THR A 974 56.70 -11.71 -14.38
N VAL A 975 55.99 -12.80 -14.65
CA VAL A 975 56.13 -14.03 -13.89
C VAL A 975 56.41 -15.23 -14.78
N ALA A 976 55.55 -15.48 -15.77
CA ALA A 976 55.62 -16.71 -16.54
C ALA A 976 56.12 -16.47 -17.95
N GLY A 977 56.60 -15.27 -18.24
CA GLY A 977 57.12 -15.04 -19.56
C GLY A 977 56.01 -14.91 -20.60
N SER A 978 56.42 -14.78 -21.85
CA SER A 978 55.47 -14.58 -22.93
C SER A 978 55.86 -15.48 -24.11
N GLU A 979 54.85 -15.83 -24.91
CA GLU A 979 55.05 -16.62 -26.12
C GLU A 979 54.26 -16.00 -27.25
N ILE A 980 54.92 -15.76 -28.38
CA ILE A 980 54.29 -15.32 -29.61
C ILE A 980 54.57 -16.36 -30.66
N SER A 981 53.51 -16.84 -31.33
CA SER A 981 53.71 -17.89 -32.32
C SER A 981 52.61 -17.84 -33.36
N ASN A 982 52.99 -18.03 -34.62
CA ASN A 982 52.06 -18.09 -35.76
C ASN A 982 51.32 -16.76 -35.94
N THR A 983 51.95 -15.66 -35.53
CA THR A 983 51.32 -14.34 -35.60
C THR A 983 51.98 -13.50 -36.68
N THR A 984 51.30 -12.43 -37.05
CA THR A 984 51.81 -11.44 -37.98
C THR A 984 51.64 -10.07 -37.35
N LEU A 985 52.70 -9.56 -36.71
CA LEU A 985 52.62 -8.37 -35.87
C LEU A 985 53.32 -7.22 -36.59
N THR A 986 52.54 -6.24 -37.02
CA THR A 986 53.07 -5.05 -37.68
C THR A 986 52.86 -3.85 -36.77
N ALA A 987 53.91 -3.07 -36.56
CA ALA A 987 53.84 -1.85 -35.77
C ALA A 987 54.84 -0.84 -36.30
N THR A 988 54.32 0.33 -36.70
CA THR A 988 55.15 1.32 -37.37
C THR A 988 56.33 1.74 -36.49
N ASN A 989 56.04 2.20 -35.28
CA ASN A 989 57.07 2.64 -34.34
C ASN A 989 57.43 1.47 -33.43
N ASN A 990 58.12 1.69 -32.31
CA ASN A 990 58.74 0.65 -31.50
C ASN A 990 57.75 -0.44 -31.08
N ILE A 991 58.29 -1.65 -30.93
CA ILE A 991 57.52 -2.84 -30.60
C ILE A 991 58.07 -3.47 -29.32
N ASN A 992 58.47 -2.63 -28.36
CA ASN A 992 59.12 -3.10 -27.14
C ASN A 992 58.41 -4.30 -26.51
N LEU A 993 59.09 -5.44 -26.48
CA LEU A 993 58.56 -6.65 -25.83
C LEU A 993 59.45 -6.95 -24.63
N ALA A 994 58.87 -6.92 -23.44
CA ALA A 994 59.58 -7.28 -22.21
C ALA A 994 58.91 -8.50 -21.59
N ALA A 995 59.72 -9.38 -21.02
CA ALA A 995 59.18 -10.59 -20.41
C ALA A 995 60.20 -11.13 -19.42
N LYS A 996 59.74 -11.43 -18.21
CA LYS A 996 60.56 -12.01 -17.16
C LYS A 996 59.88 -13.26 -16.63
N THR A 997 60.56 -14.40 -16.73
CA THR A 997 60.01 -15.68 -16.34
C THR A 997 60.80 -16.25 -15.17
N ASN A 998 60.10 -16.86 -14.22
CA ASN A 998 60.72 -17.51 -13.07
C ASN A 998 60.57 -19.03 -13.12
N SER A 999 60.12 -19.57 -14.24
CA SER A 999 59.90 -21.01 -14.38
C SER A 999 60.70 -21.50 -15.58
N ALA A 1000 60.56 -22.79 -15.90
CA ALA A 1000 61.27 -23.40 -17.00
C ALA A 1000 60.77 -22.93 -18.37
N SER A 1001 59.64 -22.24 -18.42
CA SER A 1001 59.11 -21.77 -19.68
C SER A 1001 60.01 -20.68 -20.26
N SER A 1002 59.88 -20.47 -21.57
CA SER A 1002 60.72 -19.53 -22.28
C SER A 1002 60.39 -18.09 -21.86
N GLY A 1003 61.41 -17.24 -21.86
CA GLY A 1003 61.21 -15.84 -21.55
C GLY A 1003 60.45 -15.12 -22.64
N VAL A 1004 61.07 -14.96 -23.80
CA VAL A 1004 60.42 -14.44 -24.98
C VAL A 1004 60.52 -15.53 -26.05
N TYR A 1005 59.39 -16.14 -26.38
CA TYR A 1005 59.37 -17.28 -27.27
C TYR A 1005 58.64 -16.89 -28.56
N LEU A 1006 59.39 -16.72 -29.64
CA LEU A 1006 58.86 -16.34 -30.93
C LEU A 1006 59.03 -17.50 -31.90
N LYS A 1007 57.99 -17.82 -32.64
CA LYS A 1007 58.03 -18.92 -33.59
C LYS A 1007 57.01 -18.67 -34.69
N ASP A 1008 57.47 -18.72 -35.94
CA ASP A 1008 56.61 -18.52 -37.11
C ASP A 1008 55.92 -17.15 -37.07
N ALA A 1009 56.56 -16.21 -36.38
CA ALA A 1009 56.05 -14.84 -36.28
C ALA A 1009 56.84 -13.94 -37.21
N ARG A 1010 56.15 -13.02 -37.86
CA ARG A 1010 56.75 -12.14 -38.88
C ARG A 1010 56.51 -10.71 -38.43
N ILE A 1011 57.41 -10.20 -37.59
CA ILE A 1011 57.24 -8.92 -36.91
C ILE A 1011 57.87 -7.83 -37.77
N THR A 1012 57.15 -6.74 -37.98
CA THR A 1012 57.56 -5.69 -38.90
C THR A 1012 57.58 -4.34 -38.19
N SER A 1013 58.61 -3.54 -38.48
CA SER A 1013 58.76 -2.19 -37.97
C SER A 1013 59.07 -1.27 -39.15
N THR A 1014 58.08 -0.51 -39.60
CA THR A 1014 58.28 0.32 -40.78
C THR A 1014 59.21 1.50 -40.48
N ASN A 1015 58.98 2.20 -39.37
CA ASN A 1015 59.79 3.36 -39.01
C ASN A 1015 60.40 3.24 -37.62
N GLY A 1016 60.23 2.11 -36.95
CA GLY A 1016 60.60 2.03 -35.54
C GLY A 1016 61.67 1.01 -35.20
N SER A 1017 61.75 0.67 -33.93
CA SER A 1017 62.80 -0.21 -33.43
C SER A 1017 62.21 -1.33 -32.58
N ILE A 1018 62.53 -2.56 -32.95
CA ILE A 1018 62.11 -3.75 -32.21
C ILE A 1018 63.01 -3.87 -30.99
N THR A 1019 62.42 -4.04 -29.82
CA THR A 1019 63.17 -4.19 -28.59
C THR A 1019 62.61 -5.36 -27.79
N ALA A 1020 63.44 -6.36 -27.55
CA ALA A 1020 63.07 -7.51 -26.73
C ALA A 1020 64.04 -7.62 -25.58
N ASN A 1021 63.50 -7.94 -24.40
CA ASN A 1021 64.29 -7.96 -23.17
C ASN A 1021 63.74 -9.08 -22.30
N GLY A 1022 64.39 -10.25 -22.35
CA GLY A 1022 63.97 -11.41 -21.59
C GLY A 1022 64.90 -11.70 -20.44
N THR A 1023 64.33 -12.06 -19.29
CA THR A 1023 65.08 -12.44 -18.11
C THR A 1023 64.48 -13.71 -17.55
N ALA A 1024 65.32 -14.74 -17.41
CA ALA A 1024 64.88 -16.05 -16.92
C ALA A 1024 65.73 -16.43 -15.71
N THR A 1025 65.20 -16.16 -14.51
CA THR A 1025 65.88 -16.56 -13.29
C THR A 1025 65.92 -18.07 -13.10
N ALA A 1026 65.00 -18.79 -13.73
CA ALA A 1026 64.97 -20.25 -13.68
C ALA A 1026 65.79 -20.80 -14.85
N ASN A 1027 65.71 -22.09 -15.18
CA ASN A 1027 66.55 -22.67 -16.22
C ASN A 1027 65.87 -22.66 -17.58
N GLY A 1028 64.89 -21.78 -17.78
CA GLY A 1028 64.26 -21.63 -19.07
C GLY A 1028 65.09 -20.75 -20.01
N LYS A 1029 64.64 -20.68 -21.25
CA LYS A 1029 65.34 -19.89 -22.24
C LYS A 1029 65.04 -18.41 -22.04
N ALA A 1030 66.10 -17.61 -21.90
CA ALA A 1030 65.91 -16.19 -21.65
C ALA A 1030 65.20 -15.51 -22.81
N THR A 1031 65.65 -15.76 -24.03
CA THR A 1031 64.99 -15.29 -25.23
C THR A 1031 65.18 -16.31 -26.33
N HIS A 1032 64.12 -17.07 -26.63
CA HIS A 1032 64.23 -18.20 -27.54
C HIS A 1032 63.42 -17.86 -28.79
N LEU A 1033 64.10 -17.82 -29.93
CA LEU A 1033 63.45 -17.65 -31.22
C LEU A 1033 63.63 -18.94 -32.01
N ASP A 1034 62.54 -19.42 -32.60
CA ASP A 1034 62.53 -20.70 -33.25
C ASP A 1034 61.72 -20.60 -34.54
N GLY A 1035 62.04 -21.46 -35.49
CA GLY A 1035 61.28 -21.50 -36.72
C GLY A 1035 61.39 -20.22 -37.54
N ASN A 1036 60.35 -19.98 -38.33
CA ASN A 1036 60.34 -18.91 -39.32
C ASN A 1036 60.04 -17.59 -38.60
N VAL A 1037 61.04 -17.03 -37.94
CA VAL A 1037 60.95 -15.70 -37.34
C VAL A 1037 61.49 -14.69 -38.33
N THR A 1038 60.69 -13.67 -38.63
CA THR A 1038 61.09 -12.62 -39.56
C THR A 1038 60.95 -11.28 -38.86
N LEU A 1039 62.04 -10.53 -38.80
CA LEU A 1039 62.07 -9.23 -38.12
C LEU A 1039 62.56 -8.18 -39.10
N ASN A 1040 61.66 -7.29 -39.52
CA ASN A 1040 62.00 -6.18 -40.41
C ASN A 1040 61.94 -4.90 -39.58
N ALA A 1041 63.09 -4.24 -39.45
CA ALA A 1041 63.20 -2.97 -38.75
C ALA A 1041 64.05 -2.02 -39.60
N SER A 1042 63.69 -1.92 -40.89
CA SER A 1042 64.59 -1.34 -41.88
C SER A 1042 64.99 0.10 -41.58
N ASN A 1043 64.22 0.82 -40.76
CA ASN A 1043 64.55 2.20 -40.44
C ASN A 1043 64.96 2.38 -38.98
N GLY A 1044 65.11 1.31 -38.23
CA GLY A 1044 65.43 1.43 -36.83
C GLY A 1044 66.44 0.41 -36.38
N ARG A 1045 66.39 0.09 -35.09
CA ARG A 1045 67.35 -0.80 -34.45
C ARG A 1045 66.64 -1.99 -33.83
N ILE A 1046 67.27 -3.15 -33.90
CA ILE A 1046 66.79 -4.36 -33.24
C ILE A 1046 67.72 -4.63 -32.07
N LYS A 1047 67.16 -4.74 -30.88
CA LYS A 1047 67.92 -5.03 -29.67
C LYS A 1047 67.23 -6.11 -28.89
N LEU A 1048 67.85 -7.29 -28.82
CA LEU A 1048 67.33 -8.40 -28.05
C LEU A 1048 68.26 -8.66 -26.87
N THR A 1049 67.74 -8.49 -25.66
CA THR A 1049 68.52 -8.66 -24.45
C THR A 1049 68.05 -9.91 -23.72
N GLY A 1050 68.97 -10.83 -23.45
CA GLY A 1050 68.62 -12.06 -22.78
C GLY A 1050 69.46 -12.31 -21.55
N ASN A 1051 68.82 -12.39 -20.39
CA ASN A 1051 69.51 -12.61 -19.12
C ASN A 1051 69.05 -13.95 -18.56
N GLY A 1052 69.92 -14.96 -18.68
CA GLY A 1052 69.67 -16.26 -18.09
C GLY A 1052 70.28 -16.35 -16.69
N HIS A 1053 69.89 -17.39 -15.98
CA HIS A 1053 70.39 -17.63 -14.63
C HIS A 1053 70.45 -19.12 -14.36
N GLY A 1054 71.33 -19.49 -13.44
CA GLY A 1054 71.58 -20.91 -13.23
C GLY A 1054 72.18 -21.52 -14.48
N SER A 1055 71.56 -22.59 -14.97
CA SER A 1055 72.00 -23.21 -16.21
C SER A 1055 71.28 -22.66 -17.43
N ALA A 1056 70.45 -21.63 -17.26
CA ALA A 1056 69.67 -21.10 -18.37
C ALA A 1056 70.56 -20.47 -19.42
N SER A 1057 70.20 -20.68 -20.68
CA SER A 1057 70.87 -20.04 -21.80
C SER A 1057 70.40 -18.59 -21.93
N GLY A 1058 71.01 -17.88 -22.86
CA GLY A 1058 70.65 -16.49 -23.08
C GLY A 1058 69.72 -16.35 -24.26
N ILE A 1059 70.26 -15.93 -25.40
CA ILE A 1059 69.49 -15.78 -26.62
C ILE A 1059 69.73 -17.03 -27.46
N LEU A 1060 68.68 -17.80 -27.73
CA LEU A 1060 68.79 -19.03 -28.47
C LEU A 1060 68.11 -18.85 -29.83
N PHE A 1061 68.85 -19.12 -30.90
CA PHE A 1061 68.34 -19.03 -32.26
C PHE A 1061 68.36 -20.42 -32.88
N ALA A 1062 67.20 -20.91 -33.28
CA ALA A 1062 67.07 -22.14 -34.03
C ALA A 1062 66.23 -21.89 -35.28
N GLY A 1063 66.01 -22.95 -36.04
CA GLY A 1063 65.16 -22.84 -37.22
C GLY A 1063 65.76 -21.91 -38.25
N ASN A 1064 64.95 -20.96 -38.72
CA ASN A 1064 65.34 -20.05 -39.80
C ASN A 1064 64.85 -18.65 -39.43
N ASN A 1065 65.77 -17.80 -38.98
CA ASN A 1065 65.43 -16.46 -38.51
C ASN A 1065 66.08 -15.43 -39.40
N ARG A 1066 65.27 -14.61 -40.06
CA ARG A 1066 65.75 -13.51 -40.89
C ARG A 1066 65.53 -12.21 -40.13
N LEU A 1067 66.61 -11.60 -39.66
CA LEU A 1067 66.56 -10.37 -38.88
C LEU A 1067 67.11 -9.23 -39.74
N THR A 1068 66.22 -8.45 -40.34
CA THR A 1068 66.61 -7.33 -41.21
C THR A 1068 66.36 -6.04 -40.45
N ALA A 1069 67.35 -5.16 -40.46
CA ALA A 1069 67.23 -3.86 -39.78
C ALA A 1069 68.41 -2.98 -40.17
N SER A 1070 68.36 -1.74 -39.70
CA SER A 1070 69.49 -0.83 -39.91
C SER A 1070 70.62 -1.13 -38.93
N ASN A 1071 70.30 -1.24 -37.65
CA ASN A 1071 71.26 -1.60 -36.62
C ASN A 1071 70.73 -2.81 -35.86
N ILE A 1072 71.55 -3.84 -35.75
CA ILE A 1072 71.19 -5.06 -35.04
C ILE A 1072 72.13 -5.21 -33.85
N ALA A 1073 71.55 -5.27 -32.65
CA ALA A 1073 72.33 -5.40 -31.43
C ALA A 1073 71.78 -6.56 -30.61
N LEU A 1074 72.64 -7.50 -30.25
CA LEU A 1074 72.27 -8.63 -29.42
C LEU A 1074 73.07 -8.53 -28.13
N THR A 1075 72.42 -8.80 -27.00
CA THR A 1075 73.08 -8.76 -25.70
C THR A 1075 72.62 -9.95 -24.87
N GLY A 1076 73.57 -10.65 -24.27
CA GLY A 1076 73.23 -11.81 -23.47
C GLY A 1076 74.05 -11.82 -22.20
N ASN A 1077 73.51 -12.50 -21.19
CA ASN A 1077 74.16 -12.62 -19.90
C ASN A 1077 73.71 -13.92 -19.24
N SER A 1078 74.64 -14.86 -19.13
CA SER A 1078 74.32 -16.16 -18.56
C SER A 1078 75.50 -16.64 -17.73
N THR A 1079 75.20 -17.48 -16.74
CA THR A 1079 76.22 -17.97 -15.83
C THR A 1079 76.84 -19.27 -16.33
N SER A 1080 76.00 -20.30 -16.50
CA SER A 1080 76.50 -21.59 -16.95
C SER A 1080 76.03 -21.96 -18.35
N GLY A 1081 74.97 -21.31 -18.85
CA GLY A 1081 74.48 -21.54 -20.19
C GLY A 1081 75.19 -20.65 -21.20
N ASN A 1082 74.87 -20.88 -22.48
CA ASN A 1082 75.43 -20.12 -23.58
C ASN A 1082 74.75 -18.75 -23.61
N ALA A 1083 75.56 -17.70 -23.57
CA ALA A 1083 75.00 -16.35 -23.60
C ALA A 1083 74.24 -16.09 -24.88
N ILE A 1084 74.82 -16.46 -26.02
CA ILE A 1084 74.15 -16.41 -27.32
C ILE A 1084 74.42 -17.74 -28.03
N ASN A 1085 73.37 -18.36 -28.54
CA ASN A 1085 73.47 -19.68 -29.14
C ASN A 1085 72.62 -19.70 -30.40
N LEU A 1086 73.25 -19.52 -31.55
CA LEU A 1086 72.56 -19.50 -32.84
C LEU A 1086 72.68 -20.86 -33.49
N THR A 1087 71.89 -21.83 -33.01
CA THR A 1087 72.04 -23.22 -33.40
C THR A 1087 71.70 -23.51 -34.86
N GLY A 1088 70.55 -23.07 -35.34
CA GLY A 1088 70.09 -23.47 -36.65
C GLY A 1088 70.57 -22.55 -37.76
N THR A 1089 69.66 -22.15 -38.64
CA THR A 1089 69.95 -21.20 -39.68
C THR A 1089 69.56 -19.81 -39.20
N ALA A 1090 70.54 -18.92 -39.11
CA ALA A 1090 70.30 -17.55 -38.72
C ALA A 1090 70.78 -16.65 -39.84
N THR A 1091 70.09 -15.54 -40.06
CA THR A 1091 70.42 -14.60 -41.11
C THR A 1091 70.17 -13.19 -40.61
N LEU A 1092 71.24 -12.42 -40.45
CA LEU A 1092 71.17 -11.05 -39.96
C LEU A 1092 71.70 -10.14 -41.05
N ASN A 1093 70.87 -9.21 -41.51
CA ASN A 1093 71.26 -8.24 -42.51
C ASN A 1093 71.14 -6.85 -41.91
N ALA A 1094 72.25 -6.11 -41.91
CA ALA A 1094 72.29 -4.78 -41.32
C ALA A 1094 72.92 -3.81 -42.28
N THR A 1095 72.49 -2.55 -42.21
CA THR A 1095 73.03 -1.52 -43.08
C THR A 1095 74.12 -0.70 -42.40
N ASN A 1096 74.22 -0.73 -41.07
CA ASN A 1096 75.27 0.01 -40.39
C ASN A 1096 76.24 -0.90 -39.66
N ASP A 1097 75.75 -1.72 -38.73
CA ASP A 1097 76.60 -2.60 -37.95
C ASP A 1097 75.78 -3.65 -37.22
N ILE A 1098 76.46 -4.69 -36.74
CA ILE A 1098 75.88 -5.74 -35.93
C ILE A 1098 76.72 -5.85 -34.66
N THR A 1099 76.06 -5.87 -33.50
CA THR A 1099 76.76 -5.95 -32.23
C THR A 1099 76.23 -7.14 -31.43
N LEU A 1100 77.14 -7.96 -30.93
CA LEU A 1100 76.79 -9.10 -30.08
C LEU A 1100 77.72 -9.09 -28.87
N THR A 1101 77.16 -9.34 -27.69
CA THR A 1101 77.96 -9.40 -26.47
C THR A 1101 77.36 -10.45 -25.55
N GLY A 1102 78.18 -10.96 -24.65
CA GLY A 1102 77.72 -11.99 -23.74
C GLY A 1102 78.78 -12.30 -22.70
N SER A 1103 78.38 -13.16 -21.75
CA SER A 1103 79.24 -13.56 -20.65
C SER A 1103 79.15 -15.07 -20.40
N GLU B 20 53.15 -10.95 -3.42
CA GLU B 20 51.81 -11.39 -3.02
C GLU B 20 50.89 -10.20 -2.85
N VAL B 21 49.59 -10.45 -2.92
CA VAL B 21 48.60 -9.38 -2.75
C VAL B 21 48.68 -8.88 -1.31
N GLN B 22 49.09 -7.62 -1.16
CA GLN B 22 49.29 -7.03 0.15
C GLN B 22 48.41 -5.79 0.28
N LEU B 23 48.02 -5.50 1.52
CA LEU B 23 47.25 -4.30 1.84
C LEU B 23 48.02 -3.58 2.95
N GLN B 24 48.92 -2.68 2.55
CA GLN B 24 49.72 -1.95 3.52
C GLN B 24 49.00 -0.68 3.96
N GLN B 25 48.99 -0.43 5.27
CA GLN B 25 48.34 0.73 5.85
C GLN B 25 49.38 1.57 6.57
N SER B 26 48.89 2.61 7.26
CA SER B 26 49.76 3.47 8.04
C SER B 26 50.02 2.86 9.42
N GLY B 27 50.94 3.49 10.15
CA GLY B 27 51.27 3.05 11.49
C GLY B 27 50.25 3.54 12.50
N ALA B 28 50.62 3.42 13.78
CA ALA B 28 49.75 3.84 14.86
C ALA B 28 49.51 5.35 14.78
N GLU B 29 48.26 5.75 14.98
CA GLU B 29 47.86 7.14 14.94
C GLU B 29 47.14 7.50 16.23
N LEU B 30 47.64 8.51 16.92
CA LEU B 30 47.08 8.95 18.19
C LEU B 30 46.83 10.46 18.14
N VAL B 31 45.61 10.88 18.49
CA VAL B 31 45.25 12.28 18.52
C VAL B 31 44.35 12.54 19.73
N ARG B 32 44.29 13.81 20.12
CA ARG B 32 43.33 14.24 21.13
C ARG B 32 41.92 14.09 20.59
N PRO B 33 40.94 13.78 21.45
CA PRO B 33 39.55 13.71 20.98
C PRO B 33 39.10 15.02 20.36
N GLY B 34 38.26 14.91 19.34
CA GLY B 34 37.85 16.05 18.55
C GLY B 34 38.75 16.38 17.40
N SER B 35 39.78 15.57 17.13
CA SER B 35 40.70 15.82 16.04
C SER B 35 40.26 15.05 14.80
N SER B 36 41.12 15.02 13.78
CA SER B 36 40.83 14.32 12.53
C SER B 36 42.08 13.59 12.06
N VAL B 37 41.90 12.39 11.52
CA VAL B 37 43.00 11.58 11.03
C VAL B 37 42.61 11.00 9.68
N LYS B 38 43.57 11.01 8.76
CA LYS B 38 43.38 10.46 7.41
C LYS B 38 44.17 9.16 7.32
N LEU B 39 43.48 8.03 7.36
CA LEU B 39 44.11 6.72 7.27
C LEU B 39 44.35 6.33 5.82
N SER B 40 45.46 5.67 5.58
CA SER B 40 45.87 5.26 4.24
C SER B 40 45.83 3.74 4.12
N CYS B 41 45.43 3.27 2.94
CA CYS B 41 45.41 1.84 2.63
C CYS B 41 46.12 1.67 1.28
N LYS B 42 47.39 1.29 1.32
CA LYS B 42 48.20 1.14 0.12
C LYS B 42 48.16 -0.32 -0.34
N ALA B 43 47.83 -0.52 -1.62
CA ALA B 43 47.61 -1.84 -2.17
C ALA B 43 48.64 -2.15 -3.24
N SER B 44 49.10 -3.40 -3.28
CA SER B 44 50.09 -3.83 -4.25
C SER B 44 49.89 -5.31 -4.54
N GLY B 45 50.49 -5.76 -5.64
CA GLY B 45 50.43 -7.15 -6.04
C GLY B 45 49.16 -7.56 -6.75
N TYR B 46 48.30 -6.61 -7.11
CA TYR B 46 47.07 -6.93 -7.84
C TYR B 46 46.60 -5.68 -8.57
N ILE B 47 45.72 -5.89 -9.55
CA ILE B 47 45.20 -4.78 -10.33
C ILE B 47 44.39 -3.87 -9.40
N PHE B 48 44.89 -2.65 -9.18
CA PHE B 48 44.28 -1.76 -8.20
C PHE B 48 42.85 -1.38 -8.58
N THR B 49 42.54 -1.26 -9.87
CA THR B 49 41.22 -0.87 -10.32
C THR B 49 40.37 -2.08 -10.71
N ASN B 50 40.62 -3.22 -10.08
CA ASN B 50 39.88 -4.44 -10.36
C ASN B 50 39.09 -4.94 -9.16
N TYR B 51 39.18 -4.27 -8.00
CA TYR B 51 38.40 -4.63 -6.82
C TYR B 51 38.20 -3.36 -6.00
N TRP B 52 37.13 -3.35 -5.20
CA TRP B 52 36.91 -2.21 -4.32
C TRP B 52 37.58 -2.43 -2.96
N ILE B 53 37.91 -1.33 -2.31
CA ILE B 53 38.58 -1.36 -1.01
C ILE B 53 37.55 -1.14 0.07
N HIS B 54 37.66 -1.92 1.15
CA HIS B 54 36.71 -1.88 2.25
C HIS B 54 37.33 -1.23 3.47
N TRP B 55 36.49 -1.03 4.49
CA TRP B 55 36.92 -0.37 5.71
C TRP B 55 36.12 -0.95 6.87
N VAL B 56 36.79 -1.67 7.76
CA VAL B 56 36.13 -2.38 8.85
C VAL B 56 36.78 -1.99 10.16
N ARG B 57 35.95 -1.71 11.17
CA ARG B 57 36.41 -1.34 12.49
C ARG B 57 36.20 -2.50 13.46
N GLN B 58 37.22 -2.77 14.28
CA GLN B 58 37.14 -3.76 15.35
C GLN B 58 37.07 -3.00 16.67
N ARG B 59 35.86 -2.82 17.19
CA ARG B 59 35.69 -2.10 18.44
C ARG B 59 36.26 -2.94 19.59
N PRO B 60 36.73 -2.29 20.65
CA PRO B 60 37.45 -3.03 21.71
C PRO B 60 36.52 -3.96 22.49
N ILE B 61 36.70 -5.26 22.28
CA ILE B 61 36.00 -6.36 22.94
C ILE B 61 34.52 -6.43 22.55
N GLN B 62 34.07 -5.53 21.68
CA GLN B 62 32.78 -5.69 21.02
C GLN B 62 33.00 -5.97 19.54
N GLY B 63 32.12 -6.79 18.97
CA GLY B 63 32.36 -7.41 17.68
C GLY B 63 32.59 -6.41 16.55
N LEU B 64 33.01 -6.97 15.42
CA LEU B 64 33.37 -6.21 14.24
C LEU B 64 32.18 -5.43 13.71
N GLU B 65 32.46 -4.52 12.78
CA GLU B 65 31.44 -3.66 12.19
C GLU B 65 31.97 -3.10 10.89
N TRP B 66 31.07 -2.87 9.94
CA TRP B 66 31.43 -2.38 8.62
C TRP B 66 31.22 -0.88 8.51
N ILE B 67 32.19 -0.19 7.92
CA ILE B 67 32.15 1.27 7.85
C ILE B 67 31.75 1.72 6.45
N GLY B 68 32.53 1.35 5.45
CA GLY B 68 32.22 1.76 4.09
C GLY B 68 33.25 1.19 3.12
N ASN B 69 32.91 1.30 1.84
CA ASN B 69 33.80 0.85 0.77
C ASN B 69 33.82 1.89 -0.33
N ILE B 70 34.93 1.90 -1.07
CA ILE B 70 35.08 2.77 -2.24
C ILE B 70 35.73 1.96 -3.35
N ASP B 71 35.16 2.02 -4.55
CA ASP B 71 35.70 1.27 -5.67
C ASP B 71 36.66 2.15 -6.45
N PRO B 72 37.95 1.80 -6.52
CA PRO B 72 38.90 2.66 -7.23
C PRO B 72 38.61 2.82 -8.71
N SER B 73 37.78 1.94 -9.29
CA SER B 73 37.46 2.07 -10.71
C SER B 73 36.71 3.37 -10.99
N GLU B 74 35.79 3.75 -10.11
CA GLU B 74 35.01 4.97 -10.33
C GLU B 74 34.84 5.81 -9.07
N SER B 75 35.53 5.48 -7.98
CA SER B 75 35.42 6.18 -6.70
C SER B 75 33.98 6.15 -6.16
N GLU B 76 33.18 5.18 -6.57
CA GLU B 76 31.84 5.03 -6.03
C GLU B 76 31.90 4.51 -4.61
N THR B 77 31.13 5.12 -3.72
CA THR B 77 31.20 4.83 -2.30
C THR B 77 29.82 4.51 -1.74
N HIS B 78 29.77 3.54 -0.84
CA HIS B 78 28.60 3.27 -0.01
C HIS B 78 29.01 3.39 1.45
N TYR B 79 28.28 4.19 2.21
CA TYR B 79 28.62 4.49 3.58
C TYR B 79 27.60 3.88 4.54
N ASN B 80 28.10 3.29 5.62
CA ASN B 80 27.23 2.93 6.73
C ASN B 80 26.68 4.20 7.36
N GLN B 81 25.38 4.18 7.68
CA GLN B 81 24.73 5.39 8.16
C GLN B 81 25.33 5.88 9.47
N ASN B 82 25.80 4.96 10.32
CA ASN B 82 26.40 5.37 11.59
C ASN B 82 27.65 6.21 11.37
N PHE B 83 28.48 5.82 10.41
CA PHE B 83 29.71 6.55 10.09
C PHE B 83 29.54 7.51 8.93
N LYS B 84 28.29 7.81 8.53
CA LYS B 84 28.06 8.67 7.37
C LYS B 84 28.66 10.05 7.59
N ASP B 85 28.44 10.63 8.77
CA ASP B 85 29.02 11.92 9.12
C ASP B 85 30.33 11.79 9.86
N LYS B 86 30.80 10.57 10.09
CA LYS B 86 32.02 10.32 10.84
C LYS B 86 33.22 9.99 9.97
N ALA B 87 32.99 9.42 8.79
CA ALA B 87 34.07 8.97 7.93
C ALA B 87 33.86 9.49 6.51
N THR B 88 34.96 9.55 5.76
CA THR B 88 34.95 9.93 4.36
C THR B 88 36.09 9.23 3.66
N LEU B 89 35.84 8.75 2.45
CA LEU B 89 36.79 7.95 1.70
C LEU B 89 37.24 8.69 0.44
N THR B 90 38.55 8.68 0.20
CA THR B 90 39.14 9.26 -1.00
C THR B 90 40.13 8.27 -1.59
N VAL B 91 40.26 8.30 -2.91
CA VAL B 91 41.07 7.34 -3.65
C VAL B 91 42.01 8.09 -4.60
N ASP B 92 43.25 7.60 -4.68
CA ASP B 92 44.23 8.10 -5.64
C ASP B 92 44.72 6.90 -6.44
N LYS B 93 44.25 6.79 -7.69
CA LYS B 93 44.61 5.64 -8.52
C LYS B 93 46.10 5.61 -8.84
N SER B 94 46.75 6.77 -8.87
CA SER B 94 48.14 6.83 -9.25
C SER B 94 49.02 6.07 -8.26
N SER B 95 48.77 6.26 -6.97
CA SER B 95 49.54 5.59 -5.94
C SER B 95 48.95 4.26 -5.50
N SER B 96 47.86 3.81 -6.14
CA SER B 96 47.16 2.59 -5.76
C SER B 96 46.75 2.62 -4.30
N THR B 97 46.30 3.78 -3.84
CA THR B 97 46.01 4.01 -2.43
C THR B 97 44.60 4.55 -2.25
N VAL B 98 43.93 4.09 -1.21
CA VAL B 98 42.63 4.60 -0.79
C VAL B 98 42.81 5.23 0.59
N TYR B 99 42.37 6.47 0.73
CA TYR B 99 42.55 7.22 1.97
C TYR B 99 41.23 7.34 2.71
N MET B 100 41.24 6.96 3.98
CA MET B 100 40.07 7.08 4.85
C MET B 100 40.20 8.34 5.69
N HIS B 101 39.24 9.24 5.55
CA HIS B 101 39.22 10.49 6.30
C HIS B 101 38.23 10.39 7.45
N LEU B 102 38.55 11.06 8.56
CA LEU B 102 37.71 11.05 9.75
C LEU B 102 37.60 12.47 10.29
N SER B 103 36.58 12.68 11.13
CA SER B 103 36.37 13.98 11.75
C SER B 103 35.66 13.79 13.09
N SER B 104 35.95 14.71 14.02
CA SER B 104 35.32 14.75 15.34
C SER B 104 35.49 13.41 16.07
N LEU B 105 36.74 13.01 16.23
CA LEU B 105 37.05 11.75 16.89
C LEU B 105 36.79 11.85 18.40
N THR B 106 36.38 10.73 18.98
CA THR B 106 36.18 10.61 20.42
C THR B 106 36.89 9.34 20.90
N SER B 107 36.97 9.20 22.22
CA SER B 107 37.56 8.00 22.80
C SER B 107 36.75 6.75 22.49
N GLU B 108 35.46 6.89 22.19
CA GLU B 108 34.62 5.74 21.88
C GLU B 108 35.05 5.08 20.57
N ASP B 109 35.42 5.89 19.57
CA ASP B 109 35.87 5.35 18.29
C ASP B 109 37.27 4.79 18.34
N SER B 110 37.98 4.93 19.46
CA SER B 110 39.32 4.36 19.60
C SER B 110 39.27 2.85 19.41
N SER B 111 39.81 2.37 18.29
CA SER B 111 39.70 0.96 17.93
C SER B 111 40.84 0.63 16.98
N VAL B 112 40.75 -0.53 16.32
CA VAL B 112 41.68 -0.93 15.28
C VAL B 112 40.90 -0.93 13.96
N TYR B 113 41.40 -0.16 13.00
CA TYR B 113 40.72 0.04 11.73
C TYR B 113 41.40 -0.77 10.64
N TYR B 114 40.63 -1.60 9.95
CA TYR B 114 41.13 -2.47 8.90
C TYR B 114 40.62 -2.00 7.54
N CYS B 115 41.50 -2.07 6.53
CA CYS B 115 41.09 -1.91 5.16
C CYS B 115 41.17 -3.26 4.45
N ALA B 116 40.17 -3.55 3.63
CA ALA B 116 40.03 -4.87 3.03
C ALA B 116 39.83 -4.74 1.53
N ARG B 117 40.27 -5.79 0.81
CA ARG B 117 40.13 -5.87 -0.64
C ARG B 117 38.86 -6.63 -0.96
N GLY B 118 37.83 -5.90 -1.40
CA GLY B 118 36.55 -6.49 -1.68
C GLY B 118 36.29 -6.60 -3.17
N THR B 119 35.82 -7.77 -3.60
CA THR B 119 35.48 -7.96 -5.02
C THR B 119 33.99 -7.70 -5.26
N ALA B 120 33.13 -8.54 -4.66
CA ALA B 120 31.69 -8.60 -4.86
C ALA B 120 31.20 -9.99 -4.49
N VAL B 121 31.82 -11.01 -5.08
CA VAL B 121 31.52 -12.40 -4.73
C VAL B 121 32.59 -13.01 -3.83
N VAL B 122 33.83 -12.54 -3.90
CA VAL B 122 34.87 -13.03 -3.03
C VAL B 122 34.92 -12.26 -1.71
N ASP B 123 34.37 -11.06 -1.67
CA ASP B 123 34.26 -10.24 -0.45
C ASP B 123 35.68 -9.94 0.06
N PHE B 124 35.98 -10.16 1.33
CA PHE B 124 37.17 -9.60 1.95
C PHE B 124 38.29 -10.64 1.94
N ASP B 125 38.74 -10.97 0.73
CA ASP B 125 39.72 -12.04 0.59
C ASP B 125 41.11 -11.66 1.09
N TYR B 126 41.35 -10.39 1.40
CA TYR B 126 42.62 -9.96 1.96
C TYR B 126 42.41 -8.74 2.84
N TRP B 127 43.01 -8.73 4.02
CA TRP B 127 42.87 -7.67 4.99
C TRP B 127 44.20 -6.99 5.23
N GLY B 128 44.15 -5.70 5.51
CA GLY B 128 45.35 -4.97 5.88
C GLY B 128 45.85 -5.35 7.25
N GLN B 129 47.07 -4.91 7.55
CA GLN B 129 47.68 -5.25 8.83
C GLN B 129 46.98 -4.57 10.00
N GLY B 130 46.26 -3.48 9.76
CA GLY B 130 45.53 -2.81 10.82
C GLY B 130 46.33 -1.73 11.51
N THR B 131 45.70 -0.58 11.75
CA THR B 131 46.34 0.54 12.42
C THR B 131 45.62 0.81 13.74
N THR B 132 46.38 1.30 14.72
CA THR B 132 45.81 1.61 16.03
C THR B 132 45.44 3.09 16.08
N LEU B 133 44.17 3.37 16.32
CA LEU B 133 43.68 4.74 16.42
C LEU B 133 43.22 4.97 17.85
N THR B 134 44.15 5.36 18.72
CA THR B 134 43.84 5.70 20.10
C THR B 134 43.44 7.17 20.16
N VAL B 135 42.25 7.43 20.68
CA VAL B 135 41.74 8.80 20.74
C VAL B 135 41.26 9.12 22.14
N ILE C 21 19.93 -6.14 9.63
CA ILE C 21 20.30 -7.55 9.77
C ILE C 21 21.29 -7.71 10.90
N GLN C 22 20.99 -8.59 11.85
CA GLN C 22 21.81 -8.80 13.02
C GLN C 22 22.28 -10.25 13.06
N MET C 23 23.56 -10.44 13.33
CA MET C 23 24.18 -11.74 13.29
C MET C 23 24.28 -12.30 14.70
N THR C 24 24.16 -13.63 14.83
CA THR C 24 24.17 -14.30 16.11
C THR C 24 25.21 -15.42 16.09
N GLN C 25 26.02 -15.48 17.15
CA GLN C 25 27.02 -16.52 17.32
C GLN C 25 26.85 -17.22 18.64
N SER C 26 27.14 -18.53 18.66
CA SER C 26 27.04 -19.32 19.87
C SER C 26 27.83 -20.61 19.71
N PRO C 27 28.70 -20.96 20.66
CA PRO C 27 29.04 -20.21 21.87
C PRO C 27 30.01 -19.08 21.59
N SER C 28 30.07 -18.05 22.45
CA SER C 28 31.05 -16.98 22.26
C SER C 28 32.47 -17.48 22.47
N SER C 29 32.65 -18.58 23.20
CA SER C 29 33.97 -19.18 23.37
C SER C 29 33.80 -20.69 23.46
N LEU C 30 34.83 -21.42 23.04
CA LEU C 30 34.81 -22.87 23.03
C LEU C 30 36.17 -23.40 23.43
N SER C 31 36.18 -24.44 24.26
CA SER C 31 37.39 -25.12 24.66
C SER C 31 37.29 -26.59 24.28
N ALA C 32 38.37 -27.13 23.72
CA ALA C 32 38.39 -28.51 23.27
C ALA C 32 39.83 -29.01 23.27
N SER C 33 40.02 -30.21 22.73
CA SER C 33 41.32 -30.87 22.70
C SER C 33 41.84 -30.96 21.27
N LEU C 34 43.11 -31.34 21.16
CA LEU C 34 43.75 -31.48 19.86
C LEU C 34 43.05 -32.53 19.03
N GLY C 35 42.75 -32.19 17.77
CA GLY C 35 42.11 -33.13 16.87
C GLY C 35 40.65 -33.40 17.15
N ASP C 36 40.01 -32.62 18.01
CA ASP C 36 38.61 -32.87 18.37
C ASP C 36 37.72 -32.19 17.33
N ARG C 37 36.61 -32.84 17.02
CA ARG C 37 35.65 -32.30 16.07
C ARG C 37 35.06 -30.99 16.60
N VAL C 38 35.40 -29.88 15.95
CA VAL C 38 35.00 -28.55 16.40
C VAL C 38 33.89 -28.04 15.51
N THR C 39 32.85 -27.48 16.12
CA THR C 39 31.70 -26.96 15.40
C THR C 39 31.34 -25.58 15.95
N ILE C 40 31.38 -24.57 15.08
CA ILE C 40 31.00 -23.22 15.47
C ILE C 40 29.75 -22.82 14.70
N SER C 41 28.58 -23.03 15.30
CA SER C 41 27.33 -22.66 14.66
C SER C 41 27.20 -21.15 14.60
N CYS C 42 26.54 -20.66 13.55
CA CYS C 42 26.31 -19.24 13.37
C CYS C 42 24.90 -19.04 12.83
N SER C 43 23.99 -18.62 13.70
CA SER C 43 22.61 -18.41 13.31
C SER C 43 22.40 -16.94 12.92
N ALA C 44 21.46 -16.73 12.00
CA ALA C 44 21.18 -15.40 11.48
C ALA C 44 19.81 -14.92 11.93
N SER C 45 19.61 -13.61 11.84
CA SER C 45 18.32 -13.03 12.18
C SER C 45 17.22 -13.43 11.20
N GLN C 46 17.59 -13.87 10.00
CA GLN C 46 16.63 -14.35 9.02
C GLN C 46 17.38 -15.20 8.00
N GLY C 47 16.64 -15.74 7.03
CA GLY C 47 17.24 -16.46 5.94
C GLY C 47 18.07 -15.53 5.07
N ILE C 48 19.36 -15.79 4.96
CA ILE C 48 20.26 -14.95 4.18
C ILE C 48 20.77 -15.76 3.01
N SER C 49 19.95 -16.70 2.52
CA SER C 49 20.34 -17.63 1.46
C SER C 49 21.65 -18.30 1.78
N ASN C 50 22.74 -17.85 1.15
CA ASN C 50 24.05 -18.39 1.45
C ASN C 50 25.12 -17.30 1.49
N TYR C 51 24.71 -16.04 1.71
CA TYR C 51 25.64 -14.91 1.75
C TYR C 51 26.40 -14.93 3.07
N LEU C 52 27.30 -15.90 3.21
CA LEU C 52 28.04 -16.03 4.46
C LEU C 52 29.51 -16.26 4.17
N ASN C 53 30.36 -15.49 4.83
CA ASN C 53 31.80 -15.72 4.82
C ASN C 53 32.27 -16.04 6.23
N TRP C 54 33.27 -16.92 6.33
CA TRP C 54 33.82 -17.35 7.61
C TRP C 54 35.24 -16.82 7.73
N TYR C 55 35.37 -15.60 8.25
CA TYR C 55 36.69 -15.02 8.49
C TYR C 55 37.29 -15.60 9.76
N GLN C 56 38.56 -15.95 9.69
CA GLN C 56 39.32 -16.37 10.86
C GLN C 56 40.35 -15.29 11.17
N GLN C 57 40.25 -14.71 12.36
CA GLN C 57 41.20 -13.72 12.82
C GLN C 57 42.15 -14.36 13.82
N LYS C 58 43.43 -14.46 13.45
CA LYS C 58 44.43 -14.97 14.36
C LYS C 58 44.58 -14.00 15.54
N PRO C 59 45.08 -14.49 16.69
CA PRO C 59 45.20 -13.62 17.86
C PRO C 59 46.05 -12.38 17.63
N ASP C 60 47.01 -12.43 16.71
CA ASP C 60 47.84 -11.26 16.45
C ASP C 60 47.02 -10.10 15.88
N GLY C 61 46.10 -10.38 14.98
CA GLY C 61 45.32 -9.34 14.32
C GLY C 61 45.14 -9.56 12.82
N ILE C 62 45.86 -10.49 12.22
CA ILE C 62 45.67 -10.80 10.80
C ILE C 62 44.30 -11.45 10.62
N VAL C 63 43.54 -10.94 9.66
CA VAL C 63 42.20 -11.45 9.36
C VAL C 63 42.21 -12.00 7.95
N LYS C 64 41.84 -13.26 7.81
CA LYS C 64 41.77 -13.94 6.52
C LYS C 64 40.31 -14.17 6.15
N LEU C 65 40.12 -14.84 5.02
CA LEU C 65 38.82 -15.38 4.63
C LEU C 65 38.99 -16.87 4.42
N LEU C 66 38.23 -17.67 5.16
CA LEU C 66 38.36 -19.12 5.09
C LEU C 66 37.34 -19.78 4.19
N ILE C 67 36.05 -19.50 4.42
CA ILE C 67 34.97 -20.06 3.61
C ILE C 67 34.11 -18.90 3.15
N PHE C 68 34.42 -18.35 1.98
CA PHE C 68 33.45 -17.51 1.29
C PHE C 68 32.31 -18.40 0.80
N TYR C 69 31.11 -17.83 0.75
CA TYR C 69 29.89 -18.60 0.51
C TYR C 69 29.69 -19.60 1.64
N THR C 70 28.54 -20.27 1.68
CA THR C 70 28.25 -21.16 2.80
C THR C 70 29.30 -22.26 2.92
N SER C 71 29.60 -22.95 1.81
CA SER C 71 30.61 -23.99 1.79
C SER C 71 31.40 -23.86 0.48
N SER C 72 32.46 -23.07 0.52
CA SER C 72 33.33 -22.89 -0.65
C SER C 72 34.69 -22.44 -0.12
N LEU C 73 35.68 -23.33 -0.21
CA LEU C 73 36.97 -23.09 0.42
C LEU C 73 37.70 -21.93 -0.25
N HIS C 74 38.56 -21.27 0.52
CA HIS C 74 39.44 -20.25 -0.03
C HIS C 74 40.80 -20.87 -0.36
N SER C 75 41.68 -20.05 -0.94
CA SER C 75 42.96 -20.55 -1.44
C SER C 75 43.80 -21.16 -0.31
N GLY C 76 44.21 -20.34 0.65
CA GLY C 76 45.05 -20.80 1.72
C GLY C 76 44.27 -21.44 2.86
N VAL C 77 43.44 -22.44 2.54
CA VAL C 77 42.57 -23.09 3.50
C VAL C 77 42.87 -24.59 3.51
N PRO C 78 43.30 -25.16 4.63
CA PRO C 78 43.46 -26.61 4.69
C PRO C 78 42.13 -27.32 4.59
N SER C 79 42.18 -28.58 4.15
CA SER C 79 40.96 -29.33 3.87
C SER C 79 40.10 -29.53 5.11
N ARG C 80 40.66 -29.36 6.31
CA ARG C 80 39.88 -29.60 7.53
C ARG C 80 38.70 -28.65 7.63
N PHE C 81 38.80 -27.45 7.08
CA PHE C 81 37.72 -26.48 7.18
C PHE C 81 36.64 -26.78 6.15
N SER C 82 35.40 -26.82 6.61
CA SER C 82 34.27 -27.14 5.74
C SER C 82 32.95 -26.73 6.39
N GLY C 83 32.14 -25.96 5.67
CA GLY C 83 30.87 -25.48 6.16
C GLY C 83 29.68 -26.17 5.51
N SER C 84 28.50 -25.74 5.93
CA SER C 84 27.24 -26.27 5.40
C SER C 84 26.11 -25.38 5.92
N GLY C 85 24.88 -25.79 5.62
CA GLY C 85 23.70 -25.12 6.11
C GLY C 85 23.06 -24.21 5.07
N SER C 86 21.83 -23.81 5.36
CA SER C 86 21.06 -22.94 4.49
C SER C 86 20.04 -22.17 5.33
N GLY C 87 19.50 -21.11 4.75
CA GLY C 87 18.49 -20.33 5.42
C GLY C 87 18.98 -19.51 6.59
N THR C 88 18.60 -19.92 7.81
CA THR C 88 18.91 -19.15 9.01
C THR C 88 20.05 -19.75 9.83
N ASP C 89 20.42 -21.00 9.60
CA ASP C 89 21.45 -21.67 10.37
C ASP C 89 22.64 -22.00 9.48
N TYR C 90 23.84 -21.83 10.02
CA TYR C 90 25.06 -22.19 9.31
C TYR C 90 26.10 -22.63 10.33
N SER C 91 27.02 -23.49 9.90
CA SER C 91 28.05 -23.99 10.78
C SER C 91 29.37 -24.09 10.03
N LEU C 92 30.46 -23.85 10.76
CA LEU C 92 31.82 -24.05 10.26
C LEU C 92 32.48 -25.11 11.12
N THR C 93 33.12 -26.08 10.48
CA THR C 93 33.67 -27.24 11.16
C THR C 93 35.15 -27.36 10.86
N ILE C 94 35.95 -27.54 11.90
CA ILE C 94 37.36 -27.89 11.79
C ILE C 94 37.48 -29.36 12.16
N SER C 95 37.74 -30.21 11.17
CA SER C 95 37.72 -31.65 11.40
C SER C 95 38.80 -32.07 12.40
N ASN C 96 40.04 -31.65 12.15
CA ASN C 96 41.18 -32.00 13.01
C ASN C 96 41.72 -30.72 13.60
N LEU C 97 41.67 -30.59 14.91
CA LEU C 97 42.17 -29.39 15.58
C LEU C 97 43.67 -29.49 15.83
N GLU C 98 44.41 -28.51 15.36
CA GLU C 98 45.83 -28.37 15.63
C GLU C 98 46.08 -26.94 16.08
N PRO C 99 47.15 -26.70 16.84
CA PRO C 99 47.28 -25.40 17.53
C PRO C 99 47.40 -24.19 16.61
N GLU C 100 47.48 -24.38 15.30
CA GLU C 100 47.36 -23.25 14.39
C GLU C 100 45.95 -22.68 14.39
N ASP C 101 44.95 -23.52 14.64
CA ASP C 101 43.55 -23.12 14.50
C ASP C 101 43.11 -22.13 15.56
N ILE C 102 43.86 -22.00 16.65
CA ILE C 102 43.42 -21.16 17.77
C ILE C 102 43.26 -19.73 17.28
N ALA C 103 42.02 -19.26 17.25
CA ALA C 103 41.69 -17.96 16.68
C ALA C 103 40.23 -17.64 17.01
N THR C 104 39.78 -16.47 16.54
CA THR C 104 38.40 -16.04 16.68
C THR C 104 37.75 -16.02 15.31
N TYR C 105 36.60 -16.68 15.19
CA TYR C 105 36.00 -16.98 13.89
C TYR C 105 34.74 -16.13 13.72
N TYR C 106 34.90 -14.96 13.13
CA TYR C 106 33.78 -14.07 12.85
C TYR C 106 33.04 -14.58 11.63
N CYS C 107 31.81 -15.04 11.81
CA CYS C 107 30.95 -15.35 10.68
C CYS C 107 30.28 -14.07 10.20
N GLN C 108 30.36 -13.79 8.90
CA GLN C 108 29.85 -12.56 8.33
C GLN C 108 28.79 -12.85 7.29
N GLN C 109 27.70 -12.11 7.36
CA GLN C 109 26.67 -12.13 6.34
C GLN C 109 26.89 -10.97 5.37
N TYR C 110 26.49 -11.17 4.11
CA TYR C 110 26.50 -10.06 3.19
C TYR C 110 25.28 -10.04 2.27
N SER C 111 24.14 -10.55 2.72
CA SER C 111 22.94 -10.52 1.89
C SER C 111 22.35 -9.12 1.81
N ASN C 112 22.24 -8.44 2.95
CA ASN C 112 21.50 -7.18 3.02
C ASN C 112 22.42 -6.06 3.47
N LEU C 113 22.35 -4.94 2.77
CA LEU C 113 23.07 -3.75 3.18
C LEU C 113 22.43 -3.16 4.44
N PRO C 114 23.23 -2.74 5.42
CA PRO C 114 24.69 -2.79 5.48
C PRO C 114 25.20 -4.16 5.94
N TRP C 115 26.41 -4.52 5.54
CA TRP C 115 26.99 -5.78 5.96
C TRP C 115 27.36 -5.75 7.44
N THR C 116 27.15 -6.88 8.11
CA THR C 116 27.41 -6.99 9.55
C THR C 116 28.25 -8.24 9.80
N PHE C 117 28.63 -8.43 11.06
CA PHE C 117 29.54 -9.49 11.44
C PHE C 117 28.99 -10.22 12.66
N GLY C 118 29.55 -11.40 12.91
CA GLY C 118 29.20 -12.17 14.09
C GLY C 118 29.88 -11.67 15.34
N GLY C 119 29.56 -12.32 16.45
CA GLY C 119 30.11 -11.92 17.73
C GLY C 119 31.47 -12.49 18.05
N GLY C 120 32.03 -13.31 17.18
CA GLY C 120 33.33 -13.90 17.42
C GLY C 120 33.28 -15.12 18.32
N THR C 121 34.04 -16.15 17.98
CA THR C 121 34.09 -17.40 18.75
C THR C 121 35.55 -17.81 18.88
N LYS C 122 36.16 -17.49 20.03
CA LYS C 122 37.53 -17.91 20.29
C LYS C 122 37.58 -19.42 20.49
N LEU C 123 38.54 -20.06 19.84
CA LEU C 123 38.68 -21.51 19.89
C LEU C 123 39.89 -21.84 20.76
N GLU C 124 39.67 -21.97 22.06
CA GLU C 124 40.72 -22.27 23.02
C GLU C 124 40.93 -23.78 23.11
N ILE C 125 42.17 -24.19 23.33
CA ILE C 125 42.51 -25.59 23.55
C ILE C 125 42.27 -25.94 25.01
N LYS C 126 42.28 -27.23 25.32
CA LYS C 126 42.13 -27.68 26.70
C LYS C 126 43.11 -28.82 27.00
#